data_4NWP
#
_entry.id   4NWP
#
_cell.length_a   113.350
_cell.length_b   113.350
_cell.length_c   634.880
_cell.angle_alpha   90.00
_cell.angle_beta   90.00
_cell.angle_gamma   120.00
#
_symmetry.space_group_name_H-M   'H 3 2'
#
loop_
_entity.id
_entity.type
_entity.pdbx_description
1 polymer 'Putative uncharacterized protein'
2 polymer 'Uncharacterized protein'
3 non-polymer 'SULFATE ION'
4 non-polymer 'AMMONIUM ION'
5 water water
#
loop_
_entity_poly.entity_id
_entity_poly.type
_entity_poly.pdbx_seq_one_letter_code
_entity_poly.pdbx_strand_id
1 'polypeptide(L)'
;MRITTKVGDKGSTRLFGGEEVWKDSPIIEANGTLDELTSFIGEAKHYVDEEMKGILEEIQNDIYKIMGEIGSKGKIEGIS
EERIAWLLKLILRYMEMVNLKSFVLPGGTLESAKLDVCRTIARRALRKVLTVTREFGIGAEAAAYLLALSDLLFLLARVI
EIEKNKLKEVRS
;
A,B,C,D
2 'polypeptide(L)'
;MPHLVIEATANLRLETSPGELLEQANKALFASGQFGEADIKSRFVTLEAYRQGTAAVERAYLHACLSILDGRDIATRTLL
GASLCAVLAEAVAGGGEEGVQVSVEVREMERLSYAKRVVARQRLEHHHHHH
;
E,F,G,H
#
loop_
_chem_comp.id
_chem_comp.type
_chem_comp.name
_chem_comp.formula
NH4 non-polymer 'AMMONIUM ION' 'H4 N 1'
SO4 non-polymer 'SULFATE ION' 'O4 S -2'
#
# COMPACT_ATOMS: atom_id res chain seq x y z
N LYS A 23 14.57 -18.58 -8.80
CA LYS A 23 15.86 -18.51 -9.48
C LYS A 23 16.29 -17.06 -9.74
N ASP A 24 16.34 -16.25 -8.68
CA ASP A 24 16.88 -14.90 -8.76
C ASP A 24 18.40 -14.96 -8.66
N SER A 25 19.09 -14.16 -9.47
CA SER A 25 20.54 -14.23 -9.55
C SER A 25 21.28 -14.11 -8.19
N PRO A 26 20.91 -13.11 -7.35
CA PRO A 26 21.61 -13.05 -6.06
C PRO A 26 21.39 -14.29 -5.20
N ILE A 27 20.21 -14.89 -5.27
CA ILE A 27 19.92 -16.13 -4.54
C ILE A 27 20.77 -17.29 -5.06
N ILE A 28 20.81 -17.42 -6.39
CA ILE A 28 21.58 -18.47 -7.03
C ILE A 28 23.07 -18.35 -6.70
N GLU A 29 23.58 -17.12 -6.76
CA GLU A 29 24.99 -16.88 -6.44
C GLU A 29 25.30 -17.16 -4.97
N ALA A 30 24.42 -16.72 -4.07
CA ALA A 30 24.64 -16.98 -2.64
C ALA A 30 24.62 -18.47 -2.33
N ASN A 31 23.65 -19.18 -2.91
CA ASN A 31 23.53 -20.62 -2.74
CA ASN A 31 23.57 -20.61 -2.66
C ASN A 31 24.75 -21.36 -3.29
N GLY A 32 25.18 -20.92 -4.48
CA GLY A 32 26.33 -21.51 -5.14
C GLY A 32 27.60 -21.35 -4.32
N THR A 33 27.81 -20.15 -3.76
CA THR A 33 29.02 -19.88 -2.99
C THR A 33 29.03 -20.60 -1.65
N LEU A 34 27.86 -20.72 -1.00
CA LEU A 34 27.75 -21.54 0.19
C LEU A 34 28.11 -22.99 -0.12
N ASP A 35 27.70 -23.45 -1.31
CA ASP A 35 28.00 -24.79 -1.76
C ASP A 35 29.50 -24.95 -1.94
N GLU A 36 30.15 -23.92 -2.48
CA GLU A 36 31.59 -23.92 -2.62
C GLU A 36 32.28 -23.97 -1.24
N LEU A 37 31.76 -23.20 -0.29
CA LEU A 37 32.31 -23.18 1.07
C LEU A 37 32.28 -24.55 1.74
N THR A 38 31.14 -25.22 1.70
CA THR A 38 31.02 -26.50 2.38
C THR A 38 31.84 -27.57 1.67
N SER A 39 32.08 -27.39 0.36
CA SER A 39 32.97 -28.29 -0.38
C SER A 39 34.43 -28.12 0.05
N PHE A 40 34.88 -26.88 0.23
CA PHE A 40 36.24 -26.65 0.67
C PHE A 40 36.46 -27.09 2.11
N ILE A 41 35.45 -26.90 2.96
CA ILE A 41 35.50 -27.41 4.32
C ILE A 41 35.61 -28.94 4.29
N GLY A 42 34.87 -29.55 3.38
CA GLY A 42 34.91 -30.99 3.19
C GLY A 42 36.28 -31.49 2.79
N GLU A 43 37.04 -30.65 2.09
CA GLU A 43 38.42 -30.99 1.76
C GLU A 43 39.33 -30.79 2.96
N ALA A 44 39.12 -29.68 3.67
CA ALA A 44 39.95 -29.30 4.81
C ALA A 44 39.89 -30.30 5.95
N LYS A 45 38.73 -30.93 6.14
CA LYS A 45 38.54 -31.80 7.30
C LYS A 45 39.36 -33.09 7.22
N HIS A 46 40.02 -33.33 6.09
CA HIS A 46 40.87 -34.51 5.96
C HIS A 46 42.33 -34.21 6.31
N TYR A 47 42.60 -32.96 6.71
CA TYR A 47 43.94 -32.56 7.10
C TYR A 47 44.03 -32.15 8.56
N VAL A 48 42.90 -32.12 9.26
CA VAL A 48 42.88 -31.71 10.66
C VAL A 48 42.69 -32.90 11.60
N ASP A 49 42.93 -32.72 12.89
CA ASP A 49 42.76 -33.81 13.86
C ASP A 49 41.27 -34.14 14.04
N GLU A 50 40.97 -35.21 14.77
CA GLU A 50 39.59 -35.70 14.90
C GLU A 50 38.63 -34.68 15.53
N GLU A 51 39.13 -33.92 16.50
CA GLU A 51 38.33 -32.91 17.18
C GLU A 51 37.86 -31.82 16.22
N MET A 52 38.77 -31.27 15.44
CA MET A 52 38.44 -30.23 14.50
C MET A 52 37.62 -30.79 13.34
N LYS A 53 37.83 -32.06 13.02
CA LYS A 53 37.04 -32.70 11.97
C LYS A 53 35.56 -32.75 12.37
N GLY A 54 35.30 -33.15 13.61
CA GLY A 54 33.95 -33.15 14.15
C GLY A 54 33.32 -31.76 14.12
N ILE A 55 34.13 -30.75 14.41
CA ILE A 55 33.66 -29.36 14.38
C ILE A 55 33.31 -28.95 12.95
N LEU A 56 34.19 -29.30 12.01
CA LEU A 56 33.95 -28.94 10.62
C LEU A 56 32.71 -29.62 10.04
N GLU A 57 32.43 -30.86 10.46
CA GLU A 57 31.25 -31.57 9.97
C GLU A 57 29.94 -30.97 10.50
N GLU A 58 29.93 -30.53 11.76
CA GLU A 58 28.78 -29.80 12.29
C GLU A 58 28.51 -28.54 11.45
N ILE A 59 29.59 -27.83 11.12
CA ILE A 59 29.51 -26.63 10.30
C ILE A 59 28.94 -26.95 8.91
N GLN A 60 29.33 -28.09 8.35
CA GLN A 60 28.79 -28.52 7.05
C GLN A 60 27.29 -28.74 7.14
N ASN A 61 26.82 -29.29 8.25
CA ASN A 61 25.40 -29.47 8.45
C ASN A 61 24.66 -28.14 8.60
N ASP A 62 25.27 -27.19 9.29
CA ASP A 62 24.67 -25.86 9.43
C ASP A 62 24.59 -25.15 8.08
N ILE A 63 25.63 -25.31 7.27
CA ILE A 63 25.63 -24.68 5.94
C ILE A 63 24.52 -25.29 5.07
N TYR A 64 24.34 -26.61 5.16
CA TYR A 64 23.24 -27.27 4.47
C TYR A 64 21.89 -26.66 4.85
N LYS A 65 21.71 -26.39 6.14
CA LYS A 65 20.49 -25.79 6.64
C LYS A 65 20.33 -24.36 6.11
N ILE A 66 21.45 -23.64 6.04
CA ILE A 66 21.43 -22.27 5.55
C ILE A 66 21.05 -22.24 4.05
N MET A 67 21.56 -23.19 3.28
CA MET A 67 21.28 -23.23 1.85
C MET A 67 19.81 -23.51 1.58
N GLY A 68 19.19 -24.31 2.45
CA GLY A 68 17.77 -24.58 2.34
C GLY A 68 16.92 -23.33 2.52
N GLU A 69 17.30 -22.49 3.48
CA GLU A 69 16.55 -21.27 3.76
C GLU A 69 16.72 -20.25 2.65
N ILE A 70 17.98 -19.97 2.28
CA ILE A 70 18.24 -18.99 1.24
C ILE A 70 17.64 -19.44 -0.10
N GLY A 71 17.89 -20.70 -0.46
CA GLY A 71 17.40 -21.24 -1.72
C GLY A 71 15.88 -21.22 -1.84
N SER A 72 15.19 -21.19 -0.71
CA SER A 72 13.73 -21.19 -0.72
C SER A 72 13.18 -19.79 -0.48
N LYS A 73 14.06 -18.80 -0.54
CA LYS A 73 13.72 -17.40 -0.24
C LYS A 73 13.04 -17.26 1.12
N GLY A 74 13.52 -18.01 2.10
CA GLY A 74 13.04 -17.89 3.46
C GLY A 74 11.79 -18.70 3.78
N LYS A 75 11.32 -19.50 2.83
CA LYS A 75 10.16 -20.35 3.06
C LYS A 75 10.46 -21.44 4.08
N ILE A 76 11.66 -22.02 3.98
CA ILE A 76 12.14 -23.00 4.94
C ILE A 76 12.94 -22.31 6.04
N GLU A 77 12.73 -22.73 7.30
CA GLU A 77 13.47 -22.18 8.42
C GLU A 77 14.97 -22.41 8.29
N GLY A 78 15.77 -21.42 8.66
CA GLY A 78 17.22 -21.53 8.60
C GLY A 78 17.82 -21.91 9.93
N ILE A 79 19.10 -21.60 10.12
CA ILE A 79 19.78 -21.91 11.38
C ILE A 79 19.18 -21.13 12.53
N SER A 80 19.27 -21.69 13.73
CA SER A 80 18.75 -21.03 14.92
C SER A 80 19.82 -20.18 15.60
N GLU A 81 19.40 -19.40 16.60
CA GLU A 81 20.32 -18.61 17.40
C GLU A 81 21.29 -19.51 18.17
N GLU A 82 20.82 -20.71 18.50
CA GLU A 82 21.64 -21.69 19.22
C GLU A 82 22.89 -22.09 18.42
N ARG A 83 22.77 -22.13 17.11
CA ARG A 83 23.90 -22.50 16.26
C ARG A 83 24.97 -21.41 16.28
N ILE A 84 24.53 -20.15 16.32
CA ILE A 84 25.46 -19.03 16.44
C ILE A 84 26.12 -19.06 17.82
N ALA A 85 25.34 -19.36 18.85
CA ALA A 85 25.87 -19.43 20.22
C ALA A 85 26.91 -20.54 20.34
N TRP A 86 26.73 -21.60 19.57
CA TRP A 86 27.68 -22.70 19.53
C TRP A 86 29.01 -22.22 18.94
N LEU A 87 28.95 -21.46 17.84
CA LEU A 87 30.17 -20.89 17.27
C LEU A 87 30.88 -19.99 18.27
N LEU A 88 30.11 -19.18 18.99
CA LEU A 88 30.67 -18.26 19.96
C LEU A 88 31.38 -18.98 21.09
N LYS A 89 30.79 -20.09 21.55
CA LYS A 89 31.40 -20.89 22.60
C LYS A 89 32.78 -21.43 22.16
N LEU A 90 32.86 -21.87 20.91
CA LEU A 90 34.12 -22.38 20.38
C LEU A 90 35.12 -21.25 20.18
N ILE A 91 34.64 -20.10 19.71
CA ILE A 91 35.48 -18.91 19.55
C ILE A 91 36.12 -18.52 20.89
N LEU A 92 35.31 -18.50 21.94
CA LEU A 92 35.83 -18.19 23.28
C LEU A 92 36.80 -19.26 23.75
N ARG A 93 36.54 -20.51 23.39
CA ARG A 93 37.39 -21.62 23.81
C ARG A 93 38.78 -21.51 23.17
N TYR A 94 38.83 -21.33 21.86
CA TYR A 94 40.11 -21.33 21.17
C TYR A 94 40.84 -19.99 21.31
N MET A 95 40.10 -18.94 21.65
CA MET A 95 40.70 -17.62 21.89
C MET A 95 41.74 -17.63 23.01
N GLU A 96 41.54 -18.44 24.05
CA GLU A 96 42.47 -18.47 25.18
C GLU A 96 43.74 -19.26 24.85
N MET A 97 43.80 -19.80 23.63
CA MET A 97 44.98 -20.51 23.17
C MET A 97 45.78 -19.64 22.21
N VAL A 98 45.14 -18.59 21.70
CA VAL A 98 45.76 -17.72 20.69
C VAL A 98 46.01 -16.33 21.26
N ASN A 99 47.25 -15.87 21.16
CA ASN A 99 47.63 -14.57 21.69
C ASN A 99 48.69 -13.90 20.83
N LEU A 100 48.34 -13.65 19.57
CA LEU A 100 49.29 -13.10 18.61
C LEU A 100 49.73 -11.68 18.99
N SER A 102 51.23 -9.73 16.99
CA SER A 102 51.43 -9.19 15.64
C SER A 102 50.70 -10.02 14.59
N PHE A 103 50.57 -9.46 13.39
CA PHE A 103 49.90 -10.13 12.29
C PHE A 103 50.80 -11.22 11.69
N VAL A 104 50.19 -12.29 11.20
CA VAL A 104 50.95 -13.42 10.70
C VAL A 104 50.58 -13.76 9.25
N LEU A 105 51.51 -14.35 8.50
CA LEU A 105 51.22 -14.76 7.13
C LEU A 105 50.34 -16.01 7.15
N PRO A 106 49.35 -16.06 6.24
CA PRO A 106 48.48 -17.24 6.16
C PRO A 106 49.25 -18.51 5.79
N GLY A 107 48.83 -19.64 6.36
CA GLY A 107 49.38 -20.93 5.96
C GLY A 107 50.76 -21.27 6.50
N GLY A 108 50.95 -21.10 7.81
CA GLY A 108 52.17 -21.51 8.46
C GLY A 108 52.48 -22.98 8.25
N THR A 109 51.43 -23.80 8.22
CA THR A 109 51.55 -25.21 7.90
C THR A 109 50.55 -25.54 6.80
N LEU A 110 50.73 -26.69 6.17
CA LEU A 110 49.81 -27.13 5.13
C LEU A 110 48.39 -27.23 5.69
N GLU A 111 48.29 -27.81 6.88
CA GLU A 111 47.01 -28.01 7.53
C GLU A 111 46.30 -26.69 7.80
N SER A 112 47.03 -25.72 8.36
CA SER A 112 46.42 -24.44 8.70
C SER A 112 46.13 -23.60 7.45
N ALA A 113 46.89 -23.83 6.38
CA ALA A 113 46.63 -23.15 5.11
C ALA A 113 45.25 -23.54 4.58
N LYS A 114 44.88 -24.80 4.76
CA LYS A 114 43.55 -25.27 4.32
C LYS A 114 42.45 -24.54 5.06
N LEU A 115 42.67 -24.24 6.33
CA LEU A 115 41.67 -23.52 7.11
C LEU A 115 41.65 -22.02 6.75
N ASP A 116 42.81 -21.47 6.39
CA ASP A 116 42.87 -20.07 5.96
C ASP A 116 42.08 -19.91 4.67
N VAL A 117 42.15 -20.91 3.80
CA VAL A 117 41.38 -20.89 2.57
C VAL A 117 39.88 -20.89 2.88
N CYS A 118 39.46 -21.77 3.77
CA CYS A 118 38.05 -21.86 4.15
C CYS A 118 37.54 -20.56 4.74
N ARG A 119 38.37 -19.92 5.57
CA ARG A 119 38.02 -18.63 6.16
C ARG A 119 37.71 -17.58 5.08
N THR A 120 38.53 -17.52 4.03
CA THR A 120 38.32 -16.52 2.99
C THR A 120 37.14 -16.90 2.12
N ILE A 121 36.90 -18.19 1.93
CA ILE A 121 35.71 -18.62 1.20
C ILE A 121 34.45 -18.25 2.00
N ALA A 122 34.55 -18.38 3.32
CA ALA A 122 33.42 -18.01 4.19
C ALA A 122 33.08 -16.53 4.08
N ARG A 123 34.12 -15.70 3.98
CA ARG A 123 33.94 -14.26 3.77
C ARG A 123 33.35 -13.95 2.41
N ARG A 124 33.76 -14.71 1.38
CA ARG A 124 33.17 -14.54 0.05
C ARG A 124 31.69 -14.93 0.10
N ALA A 125 31.38 -16.02 0.80
CA ALA A 125 29.98 -16.43 0.99
C ALA A 125 29.19 -15.37 1.75
N LEU A 126 29.80 -14.81 2.78
CA LEU A 126 29.17 -13.73 3.56
C LEU A 126 28.79 -12.55 2.67
N ARG A 127 29.69 -12.16 1.76
CA ARG A 127 29.42 -11.05 0.85
C ARG A 127 28.20 -11.33 -0.01
N LYS A 128 28.10 -12.56 -0.52
CA LYS A 128 26.97 -12.94 -1.38
C LYS A 128 25.67 -12.94 -0.58
N VAL A 129 25.72 -13.47 0.64
CA VAL A 129 24.55 -13.51 1.51
C VAL A 129 24.08 -12.09 1.89
N LEU A 130 25.04 -11.18 2.10
CA LEU A 130 24.72 -9.80 2.44
C LEU A 130 23.90 -9.12 1.34
N THR A 131 24.21 -9.43 0.09
CA THR A 131 23.45 -8.90 -1.04
C THR A 131 22.02 -9.41 -1.00
N VAL A 132 21.86 -10.68 -0.64
CA VAL A 132 20.52 -11.27 -0.51
C VAL A 132 19.74 -10.61 0.63
N THR A 133 20.41 -10.37 1.76
CA THR A 133 19.75 -9.74 2.89
C THR A 133 19.28 -8.33 2.57
N ARG A 134 20.14 -7.56 1.92
CA ARG A 134 19.83 -6.17 1.60
C ARG A 134 18.72 -6.04 0.55
N GLU A 135 18.63 -7.01 -0.35
CA GLU A 135 17.67 -6.96 -1.44
C GLU A 135 16.37 -7.69 -1.13
N PHE A 136 16.44 -8.75 -0.31
CA PHE A 136 15.28 -9.59 -0.06
C PHE A 136 14.85 -9.68 1.40
N GLY A 137 15.63 -9.09 2.30
CA GLY A 137 15.27 -9.03 3.71
C GLY A 137 15.38 -10.35 4.46
N ILE A 138 16.13 -11.30 3.90
CA ILE A 138 16.30 -12.59 4.55
C ILE A 138 17.79 -12.95 4.67
N GLY A 139 18.12 -13.82 5.61
CA GLY A 139 19.49 -14.31 5.71
C GLY A 139 20.41 -13.57 6.68
N ALA A 140 19.84 -12.69 7.50
CA ALA A 140 20.64 -11.95 8.47
C ALA A 140 21.33 -12.90 9.46
N GLU A 141 20.58 -13.86 10.00
CA GLU A 141 21.14 -14.84 10.93
C GLU A 141 22.23 -15.67 10.24
N ALA A 142 21.94 -16.12 9.03
CA ALA A 142 22.91 -16.83 8.20
C ALA A 142 24.19 -16.02 8.03
N ALA A 143 24.04 -14.73 7.73
CA ALA A 143 25.19 -13.83 7.59
C ALA A 143 25.99 -13.73 8.89
N ALA A 144 25.29 -13.61 10.02
CA ALA A 144 25.95 -13.59 11.33
C ALA A 144 26.73 -14.88 11.55
N TYR A 145 26.13 -16.01 11.15
CA TYR A 145 26.76 -17.31 11.32
C TYR A 145 28.05 -17.39 10.54
N LEU A 146 28.04 -16.90 9.30
CA LEU A 146 29.20 -16.96 8.42
C LEU A 146 30.31 -16.04 8.91
N LEU A 147 29.94 -14.91 9.49
CA LEU A 147 30.92 -13.98 10.06
C LEU A 147 31.64 -14.62 11.25
N ALA A 148 30.87 -15.20 12.16
CA ALA A 148 31.44 -15.91 13.31
C ALA A 148 32.29 -17.10 12.86
N LEU A 149 31.83 -17.80 11.83
CA LEU A 149 32.53 -18.95 11.28
C LEU A 149 33.94 -18.55 10.80
N SER A 150 34.01 -17.44 10.08
CA SER A 150 35.29 -16.96 9.57
C SER A 150 36.24 -16.61 10.73
N ASP A 151 35.67 -16.10 11.82
CA ASP A 151 36.46 -15.82 13.01
C ASP A 151 37.00 -17.11 13.63
N LEU A 152 36.12 -18.11 13.75
CA LEU A 152 36.53 -19.41 14.30
C LEU A 152 37.61 -20.07 13.46
N LEU A 153 37.44 -20.04 12.14
CA LEU A 153 38.41 -20.66 11.24
C LEU A 153 39.78 -19.99 11.36
N PHE A 154 39.79 -18.67 11.53
CA PHE A 154 41.04 -17.95 11.82
C PHE A 154 41.73 -18.54 13.05
N LEU A 155 40.97 -18.69 14.13
CA LEU A 155 41.49 -19.20 15.39
C LEU A 155 42.01 -20.62 15.24
N LEU A 156 41.23 -21.48 14.59
CA LEU A 156 41.61 -22.87 14.42
C LEU A 156 42.96 -22.95 13.68
N ALA A 157 43.13 -22.11 12.66
CA ALA A 157 44.35 -22.05 11.88
C ALA A 157 45.56 -21.69 12.73
N ARG A 158 45.42 -20.69 13.58
CA ARG A 158 46.54 -20.25 14.42
C ARG A 158 46.86 -21.30 15.47
N VAL A 159 45.83 -21.99 15.97
CA VAL A 159 46.02 -23.03 16.98
C VAL A 159 46.89 -24.15 16.42
N ILE A 160 46.59 -24.56 15.19
CA ILE A 160 47.40 -25.58 14.52
C ILE A 160 48.85 -25.11 14.36
N GLU A 161 49.03 -23.85 13.96
CA GLU A 161 50.38 -23.30 13.76
C GLU A 161 51.16 -23.17 15.07
N ILE A 162 50.48 -22.70 16.12
CA ILE A 162 51.11 -22.55 17.43
C ILE A 162 51.56 -23.91 17.96
N GLU A 163 50.72 -24.92 17.80
CA GLU A 163 51.03 -26.25 18.29
C GLU A 163 52.25 -26.84 17.56
N LYS A 164 52.38 -26.52 16.28
CA LYS A 164 53.50 -27.01 15.48
C LYS A 164 54.69 -26.04 15.49
N ASN A 165 54.53 -24.93 16.19
CA ASN A 165 55.55 -23.86 16.23
C ASN A 165 55.89 -23.32 14.84
N LYS A 166 54.85 -22.93 14.09
CA LYS A 166 55.05 -22.47 12.72
C LYS A 166 54.30 -21.17 12.43
N LEU A 167 54.40 -20.21 13.33
CA LEU A 167 53.83 -18.88 13.11
C LEU A 167 54.79 -17.99 12.32
N LYS A 168 54.37 -17.59 11.12
CA LYS A 168 55.18 -16.70 10.29
C LYS A 168 55.28 -15.31 10.90
N LYS B 23 3.24 -6.32 3.31
CA LYS B 23 3.23 -4.91 3.67
C LYS B 23 3.55 -4.02 2.46
N ASP B 24 3.77 -4.63 1.31
CA ASP B 24 3.96 -3.88 0.07
C ASP B 24 2.64 -3.22 -0.31
N SER B 25 2.71 -2.03 -0.90
CA SER B 25 1.50 -1.29 -1.26
C SER B 25 0.55 -2.07 -2.19
N PRO B 26 1.07 -2.75 -3.24
CA PRO B 26 0.12 -3.49 -4.07
C PRO B 26 -0.60 -4.61 -3.33
N ILE B 27 0.08 -5.25 -2.38
CA ILE B 27 -0.52 -6.30 -1.56
C ILE B 27 -1.62 -5.72 -0.68
N ILE B 28 -1.29 -4.61 -0.03
CA ILE B 28 -2.22 -3.93 0.86
C ILE B 28 -3.46 -3.44 0.10
N GLU B 29 -3.25 -2.90 -1.08
CA GLU B 29 -4.34 -2.43 -1.92
C GLU B 29 -5.24 -3.59 -2.39
N ALA B 30 -4.63 -4.70 -2.80
CA ALA B 30 -5.37 -5.87 -3.25
C ALA B 30 -6.16 -6.49 -2.10
N ASN B 31 -5.51 -6.65 -0.95
CA ASN B 31 -6.17 -7.18 0.23
C ASN B 31 -7.34 -6.30 0.68
N GLY B 32 -7.11 -5.00 0.70
CA GLY B 32 -8.14 -4.04 1.09
C GLY B 32 -9.35 -4.05 0.18
N THR B 33 -9.12 -4.20 -1.12
CA THR B 33 -10.20 -4.17 -2.09
C THR B 33 -10.98 -5.48 -2.07
N LEU B 34 -10.32 -6.58 -1.76
CA LEU B 34 -10.99 -7.86 -1.54
C LEU B 34 -11.90 -7.78 -0.31
N ASP B 35 -11.41 -7.09 0.72
CA ASP B 35 -12.20 -6.88 1.94
C ASP B 35 -13.45 -6.05 1.61
N GLU B 36 -13.28 -5.03 0.76
CA GLU B 36 -14.41 -4.21 0.35
C GLU B 36 -15.43 -5.04 -0.45
N LEU B 37 -14.94 -5.94 -1.30
CA LEU B 37 -15.79 -6.81 -2.09
C LEU B 37 -16.67 -7.70 -1.20
N THR B 38 -16.07 -8.39 -0.23
CA THR B 38 -16.85 -9.30 0.59
C THR B 38 -17.83 -8.55 1.48
N SER B 39 -17.52 -7.30 1.84
CA SER B 39 -18.45 -6.47 2.60
C SER B 39 -19.69 -6.07 1.79
N PHE B 40 -19.50 -5.64 0.55
CA PHE B 40 -20.63 -5.34 -0.34
C PHE B 40 -21.46 -6.61 -0.65
N ILE B 41 -20.81 -7.76 -0.73
CA ILE B 41 -21.52 -9.03 -0.90
C ILE B 41 -22.29 -9.34 0.37
N GLY B 42 -21.68 -9.02 1.51
CA GLY B 42 -22.32 -9.16 2.80
C GLY B 42 -23.59 -8.32 2.88
N GLU B 43 -23.60 -7.19 2.19
CA GLU B 43 -24.80 -6.35 2.17
C GLU B 43 -25.84 -6.92 1.22
N ALA B 44 -25.41 -7.27 0.01
CA ALA B 44 -26.31 -7.78 -1.03
C ALA B 44 -27.07 -9.04 -0.61
N LYS B 45 -26.44 -9.90 0.19
CA LYS B 45 -27.04 -11.19 0.51
C LYS B 45 -28.32 -11.07 1.33
N HIS B 46 -28.58 -9.87 1.85
CA HIS B 46 -29.81 -9.61 2.57
C HIS B 46 -30.96 -9.22 1.65
N TYR B 47 -30.71 -9.25 0.35
CA TYR B 47 -31.73 -8.83 -0.62
C TYR B 47 -32.06 -9.96 -1.59
N VAL B 48 -31.47 -11.13 -1.38
CA VAL B 48 -31.67 -12.27 -2.26
C VAL B 48 -32.35 -13.41 -1.52
N ASP B 49 -32.78 -14.44 -2.25
CA ASP B 49 -33.43 -15.59 -1.62
C ASP B 49 -32.41 -16.54 -0.99
N GLU B 50 -32.89 -17.54 -0.26
CA GLU B 50 -32.03 -18.42 0.54
C GLU B 50 -30.97 -19.15 -0.29
N GLU B 51 -31.36 -19.64 -1.46
CA GLU B 51 -30.42 -20.31 -2.36
C GLU B 51 -29.28 -19.38 -2.76
N MET B 52 -29.63 -18.17 -3.20
CA MET B 52 -28.61 -17.20 -3.59
C MET B 52 -27.77 -16.74 -2.41
N LYS B 53 -28.38 -16.65 -1.23
CA LYS B 53 -27.65 -16.27 -0.03
C LYS B 53 -26.59 -17.30 0.29
N GLY B 54 -26.94 -18.58 0.15
CA GLY B 54 -25.99 -19.66 0.34
C GLY B 54 -24.78 -19.53 -0.58
N ILE B 55 -25.05 -19.25 -1.84
CA ILE B 55 -24.01 -19.07 -2.84
C ILE B 55 -23.09 -17.89 -2.50
N LEU B 56 -23.70 -16.76 -2.12
CA LEU B 56 -22.91 -15.58 -1.77
C LEU B 56 -22.03 -15.81 -0.53
N GLU B 57 -22.53 -16.59 0.42
CA GLU B 57 -21.73 -16.88 1.62
C GLU B 57 -20.59 -17.85 1.35
N GLU B 58 -20.78 -18.80 0.43
CA GLU B 58 -19.66 -19.60 -0.04
C GLU B 58 -18.61 -18.70 -0.70
N ILE B 59 -19.06 -17.73 -1.47
CA ILE B 59 -18.16 -16.80 -2.13
C ILE B 59 -17.40 -15.95 -1.10
N GLN B 60 -18.07 -15.53 -0.03
CA GLN B 60 -17.39 -14.78 1.03
C GLN B 60 -16.29 -15.62 1.66
N ASN B 61 -16.54 -16.91 1.84
CA ASN B 61 -15.52 -17.80 2.36
C ASN B 61 -14.32 -17.94 1.40
N ASP B 62 -14.61 -18.00 0.09
CA ASP B 62 -13.55 -18.09 -0.91
C ASP B 62 -12.68 -16.84 -0.89
N ILE B 63 -13.30 -15.69 -0.66
CA ILE B 63 -12.58 -14.43 -0.67
C ILE B 63 -11.69 -14.32 0.56
N TYR B 64 -12.15 -14.85 1.68
CA TYR B 64 -11.35 -14.92 2.89
C TYR B 64 -10.09 -15.77 2.66
N LYS B 65 -10.25 -16.87 1.95
CA LYS B 65 -9.11 -17.74 1.63
C LYS B 65 -8.13 -17.02 0.69
N ILE B 66 -8.67 -16.27 -0.27
CA ILE B 66 -7.84 -15.51 -1.20
C ILE B 66 -7.04 -14.43 -0.47
N MET B 67 -7.70 -13.71 0.43
CA MET B 67 -7.03 -12.70 1.25
C MET B 67 -5.89 -13.29 2.08
N GLY B 68 -6.06 -14.53 2.52
CA GLY B 68 -5.02 -15.21 3.26
C GLY B 68 -3.77 -15.42 2.43
N GLU B 69 -3.96 -15.87 1.19
CA GLU B 69 -2.84 -16.15 0.29
C GLU B 69 -2.12 -14.89 -0.17
N ILE B 70 -2.88 -13.87 -0.55
CA ILE B 70 -2.30 -12.63 -1.06
C ILE B 70 -1.59 -11.87 0.05
N GLY B 71 -2.26 -11.73 1.20
CA GLY B 71 -1.68 -11.09 2.36
C GLY B 71 -0.41 -11.74 2.87
N SER B 72 -0.23 -13.02 2.55
CA SER B 72 0.95 -13.75 2.99
C SER B 72 1.98 -13.89 1.86
N LYS B 73 1.73 -13.18 0.76
CA LYS B 73 2.59 -13.23 -0.42
C LYS B 73 2.80 -14.66 -0.93
N GLY B 74 1.73 -15.44 -0.92
CA GLY B 74 1.77 -16.79 -1.48
C GLY B 74 2.23 -17.88 -0.53
N LYS B 75 2.61 -17.51 0.69
CA LYS B 75 3.09 -18.48 1.67
C LYS B 75 1.96 -19.43 2.10
N ILE B 76 0.78 -18.87 2.30
CA ILE B 76 -0.42 -19.65 2.62
C ILE B 76 -1.15 -19.99 1.34
N GLU B 77 -1.70 -21.21 1.26
CA GLU B 77 -2.39 -21.66 0.06
C GLU B 77 -3.69 -20.90 -0.17
N GLY B 78 -4.03 -20.68 -1.43
CA GLY B 78 -5.24 -19.94 -1.78
C GLY B 78 -6.42 -20.84 -2.09
N ILE B 79 -7.26 -20.42 -3.02
CA ILE B 79 -8.41 -21.23 -3.43
C ILE B 79 -7.96 -22.38 -4.32
N SER B 80 -8.63 -23.52 -4.16
CA SER B 80 -8.38 -24.66 -5.03
C SER B 80 -9.02 -24.41 -6.38
N GLU B 81 -8.60 -25.18 -7.39
CA GLU B 81 -9.21 -25.07 -8.71
C GLU B 81 -10.63 -25.62 -8.69
N GLU B 82 -10.96 -26.39 -7.66
CA GLU B 82 -12.33 -26.90 -7.51
C GLU B 82 -13.30 -25.73 -7.29
N ARG B 83 -12.80 -24.67 -6.67
CA ARG B 83 -13.62 -23.50 -6.40
C ARG B 83 -13.90 -22.71 -7.67
N ILE B 84 -12.93 -22.67 -8.58
CA ILE B 84 -13.15 -22.07 -9.89
C ILE B 84 -14.14 -22.92 -10.69
N ALA B 85 -13.98 -24.24 -10.61
CA ALA B 85 -14.89 -25.16 -11.29
C ALA B 85 -16.32 -25.00 -10.78
N TRP B 86 -16.46 -24.72 -9.48
CA TRP B 86 -17.77 -24.49 -8.87
C TRP B 86 -18.43 -23.24 -9.44
N LEU B 87 -17.66 -22.16 -9.57
CA LEU B 87 -18.17 -20.94 -10.21
C LEU B 87 -18.58 -21.24 -11.64
N LEU B 88 -17.74 -22.00 -12.35
CA LEU B 88 -18.00 -22.32 -13.76
C LEU B 88 -19.29 -23.12 -13.92
N LYS B 89 -19.53 -24.06 -13.00
CA LYS B 89 -20.77 -24.83 -13.00
C LYS B 89 -21.99 -23.92 -12.89
N LEU B 90 -21.91 -22.94 -11.99
CA LEU B 90 -23.02 -22.03 -11.76
C LEU B 90 -23.22 -21.10 -12.94
N ILE B 91 -22.11 -20.69 -13.57
CA ILE B 91 -22.17 -19.85 -14.76
C ILE B 91 -22.90 -20.57 -15.91
N LEU B 92 -22.50 -21.81 -16.16
CA LEU B 92 -23.16 -22.60 -17.20
C LEU B 92 -24.64 -22.79 -16.90
N ARG B 93 -24.96 -22.97 -15.62
CA ARG B 93 -26.35 -23.15 -15.20
C ARG B 93 -27.22 -21.92 -15.48
N TYR B 94 -26.74 -20.74 -15.09
CA TYR B 94 -27.57 -19.53 -15.17
C TYR B 94 -27.54 -18.90 -16.56
N MET B 95 -26.57 -19.28 -17.38
CA MET B 95 -26.49 -18.80 -18.75
C MET B 95 -27.73 -19.17 -19.58
N GLU B 96 -28.41 -20.24 -19.16
CA GLU B 96 -29.55 -20.76 -19.92
C GLU B 96 -30.81 -19.94 -19.71
N MET B 97 -30.95 -19.34 -18.53
CA MET B 97 -32.13 -18.56 -18.20
C MET B 97 -31.89 -17.07 -18.50
N VAL B 98 -30.78 -16.76 -19.18
CA VAL B 98 -30.46 -15.39 -19.59
C VAL B 98 -30.15 -15.29 -21.08
N ASN B 99 -30.96 -14.53 -21.80
CA ASN B 99 -30.75 -14.34 -23.25
C ASN B 99 -29.91 -13.10 -23.55
N LEU B 100 -28.59 -13.26 -23.49
CA LEU B 100 -27.66 -12.16 -23.76
C LEU B 100 -27.68 -11.76 -25.23
N PHE B 103 -28.47 -6.15 -24.15
CA PHE B 103 -27.93 -5.02 -23.41
C PHE B 103 -29.04 -4.27 -22.67
N VAL B 104 -28.94 -4.22 -21.34
CA VAL B 104 -29.93 -3.52 -20.54
C VAL B 104 -29.27 -2.72 -19.41
N LEU B 105 -29.94 -1.66 -18.96
CA LEU B 105 -29.39 -0.80 -17.92
C LEU B 105 -29.27 -1.52 -16.58
N PRO B 106 -28.18 -1.28 -15.86
CA PRO B 106 -27.98 -1.83 -14.53
C PRO B 106 -29.09 -1.43 -13.55
N GLY B 107 -29.49 -2.38 -12.71
CA GLY B 107 -30.42 -2.08 -11.64
C GLY B 107 -31.88 -2.08 -12.02
N GLY B 108 -32.30 -3.07 -12.80
CA GLY B 108 -33.70 -3.23 -13.16
C GLY B 108 -34.60 -3.31 -11.93
N THR B 109 -34.14 -4.01 -10.90
CA THR B 109 -34.79 -4.01 -9.60
C THR B 109 -33.79 -3.57 -8.54
N LEU B 110 -34.28 -3.29 -7.34
CA LEU B 110 -33.41 -2.89 -6.23
C LEU B 110 -32.44 -4.02 -5.90
N GLU B 111 -32.99 -5.23 -5.88
CA GLU B 111 -32.22 -6.42 -5.56
C GLU B 111 -31.11 -6.67 -6.56
N SER B 112 -31.44 -6.62 -7.85
CA SER B 112 -30.44 -6.89 -8.89
C SER B 112 -29.41 -5.77 -8.96
N ALA B 113 -29.80 -4.56 -8.56
CA ALA B 113 -28.87 -3.43 -8.49
C ALA B 113 -27.74 -3.71 -7.51
N LYS B 114 -28.08 -4.37 -6.41
CA LYS B 114 -27.11 -4.73 -5.39
C LYS B 114 -26.05 -5.66 -5.94
N LEU B 115 -26.47 -6.59 -6.80
CA LEU B 115 -25.55 -7.54 -7.40
C LEU B 115 -24.71 -6.89 -8.51
N ASP B 116 -25.28 -5.91 -9.21
CA ASP B 116 -24.54 -5.18 -10.23
C ASP B 116 -23.38 -4.41 -9.59
N VAL B 117 -23.66 -3.81 -8.44
CA VAL B 117 -22.64 -3.12 -7.64
C VAL B 117 -21.53 -4.12 -7.26
N CYS B 118 -21.91 -5.26 -6.69
CA CYS B 118 -20.92 -6.28 -6.30
C CYS B 118 -20.07 -6.70 -7.50
N ARG B 119 -20.68 -6.82 -8.67
CA ARG B 119 -19.97 -7.24 -9.87
C ARG B 119 -18.85 -6.26 -10.24
N THR B 120 -19.17 -4.97 -10.21
CA THR B 120 -18.18 -3.95 -10.52
C THR B 120 -17.09 -3.89 -9.44
N ILE B 121 -17.44 -4.16 -8.17
CA ILE B 121 -16.43 -4.18 -7.11
C ILE B 121 -15.52 -5.41 -7.29
N ALA B 122 -16.09 -6.50 -7.79
CA ALA B 122 -15.30 -7.69 -8.08
C ALA B 122 -14.29 -7.39 -9.18
N ARG B 123 -14.69 -6.59 -10.15
CA ARG B 123 -13.79 -6.21 -11.24
C ARG B 123 -12.70 -5.29 -10.73
N ARG B 124 -13.05 -4.42 -9.77
CA ARG B 124 -12.05 -3.51 -9.20
C ARG B 124 -11.01 -4.33 -8.43
N ALA B 125 -11.50 -5.33 -7.68
CA ALA B 125 -10.60 -6.20 -6.94
C ALA B 125 -9.68 -6.97 -7.90
N LEU B 126 -10.24 -7.40 -9.03
CA LEU B 126 -9.48 -8.10 -10.06
C LEU B 126 -8.34 -7.23 -10.60
N ARG B 127 -8.59 -5.95 -10.84
CA ARG B 127 -7.52 -5.06 -11.29
C ARG B 127 -6.38 -4.99 -10.27
N LYS B 128 -6.71 -4.96 -8.99
CA LYS B 128 -5.68 -4.85 -7.95
C LYS B 128 -4.89 -6.15 -7.82
N VAL B 129 -5.58 -7.28 -7.96
CA VAL B 129 -4.92 -8.58 -7.87
C VAL B 129 -4.00 -8.80 -9.07
N LEU B 130 -4.45 -8.39 -10.25
CA LEU B 130 -3.64 -8.45 -11.46
C LEU B 130 -2.30 -7.75 -11.28
N THR B 131 -2.32 -6.58 -10.64
CA THR B 131 -1.09 -5.85 -10.35
C THR B 131 -0.16 -6.69 -9.47
N VAL B 132 -0.73 -7.38 -8.49
CA VAL B 132 0.04 -8.24 -7.62
C VAL B 132 0.64 -9.40 -8.41
N THR B 133 -0.16 -10.02 -9.26
CA THR B 133 0.30 -11.12 -10.10
C THR B 133 1.47 -10.73 -11.01
N ARG B 134 1.37 -9.56 -11.62
CA ARG B 134 2.43 -9.12 -12.52
C ARG B 134 3.70 -8.70 -11.78
N GLU B 135 3.57 -8.26 -10.53
CA GLU B 135 4.73 -7.80 -9.78
C GLU B 135 5.38 -8.89 -8.92
N PHE B 136 4.58 -9.82 -8.40
CA PHE B 136 5.09 -10.82 -7.46
C PHE B 136 4.92 -12.26 -7.95
N GLY B 137 4.20 -12.44 -9.06
CA GLY B 137 4.03 -13.75 -9.63
C GLY B 137 3.11 -14.67 -8.84
N ILE B 138 2.21 -14.08 -8.06
CA ILE B 138 1.25 -14.86 -7.30
C ILE B 138 -0.18 -14.34 -7.50
N GLY B 139 -1.17 -15.17 -7.21
CA GLY B 139 -2.55 -14.74 -7.28
C GLY B 139 -3.22 -14.93 -8.64
N ALA B 140 -2.61 -15.74 -9.50
CA ALA B 140 -3.19 -16.00 -10.82
C ALA B 140 -4.54 -16.73 -10.71
N GLU B 141 -4.59 -17.71 -9.80
CA GLU B 141 -5.82 -18.46 -9.58
C GLU B 141 -6.88 -17.57 -8.94
N ALA B 142 -6.44 -16.71 -8.03
CA ALA B 142 -7.31 -15.75 -7.39
C ALA B 142 -7.94 -14.84 -8.44
N ALA B 143 -7.11 -14.36 -9.36
CA ALA B 143 -7.57 -13.48 -10.43
C ALA B 143 -8.56 -14.18 -11.35
N ALA B 144 -8.30 -15.45 -11.66
CA ALA B 144 -9.23 -16.22 -12.48
C ALA B 144 -10.57 -16.35 -11.75
N TYR B 145 -10.50 -16.58 -10.45
CA TYR B 145 -11.70 -16.71 -9.62
C TYR B 145 -12.54 -15.44 -9.67
N LEU B 146 -11.87 -14.30 -9.50
CA LEU B 146 -12.54 -13.00 -9.46
C LEU B 146 -13.18 -12.67 -10.80
N LEU B 147 -12.50 -13.02 -11.89
CA LEU B 147 -13.06 -12.79 -13.22
C LEU B 147 -14.32 -13.63 -13.38
N ALA B 148 -14.23 -14.91 -13.02
CA ALA B 148 -15.38 -15.80 -13.08
C ALA B 148 -16.52 -15.30 -12.17
N LEU B 149 -16.15 -14.83 -10.98
CA LEU B 149 -17.13 -14.30 -10.03
C LEU B 149 -17.91 -13.12 -10.64
N SER B 150 -17.20 -12.20 -11.26
CA SER B 150 -17.81 -11.02 -11.85
C SER B 150 -18.81 -11.40 -12.95
N ASP B 151 -18.51 -12.45 -13.71
CA ASP B 151 -19.43 -12.93 -14.74
C ASP B 151 -20.67 -13.59 -14.12
N LEU B 152 -20.47 -14.34 -13.03
CA LEU B 152 -21.59 -14.98 -12.34
C LEU B 152 -22.52 -13.93 -11.74
N LEU B 153 -21.94 -12.89 -11.15
CA LEU B 153 -22.72 -11.83 -10.52
C LEU B 153 -23.59 -11.10 -11.55
N PHE B 154 -23.04 -10.87 -12.73
CA PHE B 154 -23.81 -10.33 -13.85
C PHE B 154 -25.03 -11.19 -14.14
N LEU B 155 -24.81 -12.51 -14.20
CA LEU B 155 -25.89 -13.45 -14.50
C LEU B 155 -26.93 -13.50 -13.41
N LEU B 156 -26.49 -13.52 -12.15
CA LEU B 156 -27.41 -13.55 -11.02
C LEU B 156 -28.30 -12.31 -11.04
N ALA B 157 -27.70 -11.16 -11.33
CA ALA B 157 -28.44 -9.91 -11.42
C ALA B 157 -29.52 -9.98 -12.50
N ARG B 158 -29.18 -10.52 -13.66
CA ARG B 158 -30.15 -10.67 -14.73
C ARG B 158 -31.22 -11.70 -14.40
N VAL B 159 -30.83 -12.76 -13.70
CA VAL B 159 -31.78 -13.81 -13.34
C VAL B 159 -32.83 -13.27 -12.37
N ILE B 160 -32.39 -12.45 -11.41
CA ILE B 160 -33.31 -11.83 -10.46
C ILE B 160 -34.36 -10.97 -11.17
N GLU B 161 -33.90 -10.15 -12.12
CA GLU B 161 -34.79 -9.30 -12.90
C GLU B 161 -35.81 -10.10 -13.70
N ILE B 162 -35.39 -11.25 -14.20
CA ILE B 162 -36.26 -12.11 -14.99
C ILE B 162 -37.29 -12.81 -14.09
N GLU B 163 -36.83 -13.37 -12.97
CA GLU B 163 -37.72 -14.07 -12.05
C GLU B 163 -38.66 -13.11 -11.31
N LYS B 164 -38.48 -11.82 -11.52
CA LYS B 164 -39.35 -10.82 -10.93
C LYS B 164 -40.33 -10.27 -11.95
N ASN B 165 -39.85 -10.04 -13.17
CA ASN B 165 -40.68 -9.51 -14.25
C ASN B 165 -40.96 -10.55 -15.32
N LYS C 23 -7.04 -4.52 -22.87
CA LYS C 23 -6.63 -3.18 -23.26
C LYS C 23 -5.66 -2.56 -22.25
N ASP C 24 -5.42 -1.26 -22.37
CA ASP C 24 -4.47 -0.56 -21.52
C ASP C 24 -5.04 -0.39 -20.10
N SER C 25 -4.15 -0.44 -19.09
CA SER C 25 -4.58 -0.32 -17.70
C SER C 25 -5.40 0.94 -17.38
N PRO C 26 -4.96 2.13 -17.85
CA PRO C 26 -5.80 3.29 -17.55
C PRO C 26 -7.20 3.22 -18.17
N ILE C 27 -7.28 2.61 -19.35
CA ILE C 27 -8.54 2.42 -20.04
C ILE C 27 -9.44 1.48 -19.27
N ILE C 28 -8.86 0.36 -18.86
CA ILE C 28 -9.56 -0.65 -18.05
C ILE C 28 -10.08 -0.04 -16.75
N GLU C 29 -9.23 0.74 -16.08
CA GLU C 29 -9.63 1.35 -14.82
C GLU C 29 -10.73 2.39 -15.02
N ALA C 30 -10.65 3.14 -16.10
CA ALA C 30 -11.66 4.17 -16.36
C ALA C 30 -13.01 3.51 -16.69
N ASN C 31 -12.99 2.54 -17.59
CA ASN C 31 -14.21 1.82 -17.95
C ASN C 31 -14.84 1.12 -16.76
N GLY C 32 -14.02 0.51 -15.92
CA GLY C 32 -14.50 -0.21 -14.75
C GLY C 32 -15.15 0.72 -13.74
N THR C 33 -14.57 1.90 -13.55
CA THR C 33 -15.06 2.83 -12.55
C THR C 33 -16.35 3.49 -13.05
N LEU C 34 -16.44 3.70 -14.35
CA LEU C 34 -17.68 4.16 -14.99
C LEU C 34 -18.78 3.11 -14.83
N ASP C 35 -18.40 1.85 -14.96
CA ASP C 35 -19.33 0.76 -14.76
C ASP C 35 -19.82 0.74 -13.31
N GLU C 36 -18.92 1.01 -12.37
CA GLU C 36 -19.29 1.08 -10.97
C GLU C 36 -20.26 2.25 -10.74
N LEU C 37 -20.00 3.38 -11.39
CA LEU C 37 -20.86 4.55 -11.27
C LEU C 37 -22.30 4.27 -11.70
N THR C 38 -22.47 3.69 -12.88
CA THR C 38 -23.83 3.46 -13.38
C THR C 38 -24.53 2.38 -12.54
N SER C 39 -23.76 1.47 -11.95
CA SER C 39 -24.34 0.48 -11.05
C SER C 39 -24.88 1.12 -9.77
N PHE C 40 -24.12 2.05 -9.20
CA PHE C 40 -24.57 2.74 -7.98
C PHE C 40 -25.78 3.63 -8.27
N ILE C 41 -25.78 4.26 -9.44
CA ILE C 41 -26.94 5.05 -9.87
C ILE C 41 -28.15 4.13 -10.04
N GLY C 42 -27.91 2.94 -10.59
CA GLY C 42 -28.96 1.95 -10.76
C GLY C 42 -29.56 1.51 -9.44
N GLU C 43 -28.79 1.61 -8.38
CA GLU C 43 -29.30 1.28 -7.05
C GLU C 43 -30.10 2.46 -6.50
N ALA C 44 -29.58 3.65 -6.73
CA ALA C 44 -30.14 4.88 -6.17
C ALA C 44 -31.51 5.20 -6.76
N LYS C 45 -31.72 4.83 -8.02
CA LYS C 45 -32.94 5.24 -8.73
C LYS C 45 -34.19 4.57 -8.16
N HIS C 46 -34.00 3.62 -7.25
CA HIS C 46 -35.13 2.94 -6.61
C HIS C 46 -35.52 3.63 -5.31
N TYR C 47 -34.85 4.72 -4.98
CA TYR C 47 -35.14 5.47 -3.77
C TYR C 47 -35.63 6.89 -4.05
N VAL C 48 -35.75 7.25 -5.33
CA VAL C 48 -36.19 8.59 -5.70
C VAL C 48 -37.56 8.55 -6.38
N ASP C 49 -38.17 9.71 -6.62
CA ASP C 49 -39.49 9.74 -7.27
C ASP C 49 -39.35 9.56 -8.78
N GLU C 50 -40.48 9.57 -9.47
CA GLU C 50 -40.50 9.23 -10.89
C GLU C 50 -39.77 10.22 -11.80
N GLU C 51 -39.76 11.49 -11.42
CA GLU C 51 -39.06 12.49 -12.23
C GLU C 51 -37.55 12.31 -12.13
N MET C 52 -37.05 12.15 -10.90
CA MET C 52 -35.62 11.93 -10.72
C MET C 52 -35.21 10.58 -11.27
N LYS C 53 -36.10 9.60 -11.20
CA LYS C 53 -35.82 8.29 -11.76
C LYS C 53 -35.58 8.38 -13.26
N GLY C 54 -36.39 9.19 -13.94
CA GLY C 54 -36.25 9.38 -15.37
C GLY C 54 -34.92 10.02 -15.71
N ILE C 55 -34.51 10.98 -14.90
CA ILE C 55 -33.24 11.66 -15.10
C ILE C 55 -32.06 10.71 -14.90
N LEU C 56 -32.10 9.90 -13.85
CA LEU C 56 -31.00 8.99 -13.56
C LEU C 56 -30.82 7.94 -14.66
N GLU C 57 -31.92 7.50 -15.27
CA GLU C 57 -31.85 6.49 -16.33
C GLU C 57 -31.29 7.07 -17.64
N GLU C 58 -31.56 8.34 -17.91
CA GLU C 58 -30.92 9.02 -19.02
C GLU C 58 -29.40 9.06 -18.79
N ILE C 59 -29.02 9.37 -17.56
CA ILE C 59 -27.62 9.43 -17.17
C ILE C 59 -26.94 8.06 -17.36
N GLN C 60 -27.65 6.99 -17.03
CA GLN C 60 -27.11 5.65 -17.25
C GLN C 60 -26.88 5.39 -18.74
N ASN C 61 -27.77 5.89 -19.58
CA ASN C 61 -27.59 5.75 -21.02
C ASN C 61 -26.38 6.54 -21.51
N ASP C 62 -26.19 7.73 -20.95
CA ASP C 62 -25.03 8.55 -21.28
C ASP C 62 -23.73 7.88 -20.83
N ILE C 63 -23.75 7.26 -19.66
CA ILE C 63 -22.55 6.62 -19.14
C ILE C 63 -22.16 5.44 -20.03
N TYR C 64 -23.15 4.67 -20.47
CA TYR C 64 -22.94 3.58 -21.42
C TYR C 64 -22.30 4.08 -22.72
N LYS C 65 -22.78 5.23 -23.20
CA LYS C 65 -22.19 5.84 -24.40
C LYS C 65 -20.72 6.20 -24.16
N ILE C 66 -20.43 6.73 -22.98
CA ILE C 66 -19.06 7.13 -22.63
C ILE C 66 -18.13 5.92 -22.57
N MET C 67 -18.60 4.82 -21.99
CA MET C 67 -17.79 3.61 -21.88
C MET C 67 -17.43 3.06 -23.26
N GLY C 68 -18.33 3.25 -24.22
CA GLY C 68 -18.07 2.84 -25.59
C GLY C 68 -16.90 3.61 -26.18
N GLU C 69 -16.93 4.93 -26.01
CA GLU C 69 -15.87 5.80 -26.54
C GLU C 69 -14.53 5.53 -25.85
N ILE C 70 -14.55 5.48 -24.53
CA ILE C 70 -13.33 5.29 -23.76
C ILE C 70 -12.71 3.91 -24.01
N GLY C 71 -13.53 2.87 -23.90
CA GLY C 71 -13.08 1.50 -24.12
C GLY C 71 -12.53 1.25 -25.51
N SER C 72 -13.00 2.00 -26.50
CA SER C 72 -12.53 1.81 -27.88
C SER C 72 -11.42 2.80 -28.23
N LYS C 73 -10.90 3.46 -27.20
CA LYS C 73 -9.86 4.47 -27.34
C LYS C 73 -10.19 5.56 -28.37
N GLY C 74 -11.46 5.90 -28.47
CA GLY C 74 -11.89 7.03 -29.29
C GLY C 74 -12.40 6.66 -30.67
N LYS C 75 -12.32 5.37 -31.02
CA LYS C 75 -12.80 4.90 -32.32
C LYS C 75 -14.30 5.12 -32.46
N ILE C 76 -15.04 4.72 -31.43
CA ILE C 76 -16.48 4.93 -31.38
C ILE C 76 -16.78 6.29 -30.74
N GLU C 77 -17.76 7.00 -31.29
CA GLU C 77 -18.12 8.33 -30.79
C GLU C 77 -18.74 8.28 -29.39
N GLY C 78 -18.42 9.28 -28.57
CA GLY C 78 -18.97 9.37 -27.22
C GLY C 78 -20.17 10.29 -27.13
N ILE C 79 -20.35 10.93 -25.97
CA ILE C 79 -21.48 11.83 -25.78
C ILE C 79 -21.31 13.12 -26.56
N SER C 80 -22.43 13.68 -27.00
CA SER C 80 -22.43 14.94 -27.73
C SER C 80 -22.39 16.12 -26.78
N GLU C 81 -22.11 17.31 -27.31
CA GLU C 81 -22.17 18.54 -26.54
C GLU C 81 -23.57 18.74 -25.96
N GLU C 82 -24.57 18.24 -26.68
CA GLU C 82 -25.97 18.44 -26.29
C GLU C 82 -26.27 17.73 -24.97
N ARG C 83 -25.60 16.62 -24.72
CA ARG C 83 -25.80 15.87 -23.48
C ARG C 83 -25.30 16.67 -22.30
N ILE C 84 -24.16 17.34 -22.47
CA ILE C 84 -23.63 18.26 -21.47
C ILE C 84 -24.59 19.44 -21.29
N ALA C 85 -25.11 19.96 -22.40
CA ALA C 85 -26.07 21.05 -22.37
C ALA C 85 -27.32 20.65 -21.59
N TRP C 86 -27.68 19.37 -21.69
CA TRP C 86 -28.83 18.84 -20.96
C TRP C 86 -28.56 18.86 -19.45
N LEU C 87 -27.33 18.52 -19.05
CA LEU C 87 -26.96 18.56 -17.64
C LEU C 87 -27.02 19.99 -17.10
N LEU C 88 -26.49 20.93 -17.88
CA LEU C 88 -26.46 22.33 -17.51
C LEU C 88 -27.87 22.88 -17.26
N LYS C 89 -28.82 22.48 -18.12
CA LYS C 89 -30.21 22.91 -17.97
C LYS C 89 -30.79 22.41 -16.65
N LEU C 90 -30.46 21.18 -16.26
CA LEU C 90 -30.99 20.63 -15.01
C LEU C 90 -30.33 21.30 -13.81
N ILE C 91 -29.02 21.54 -13.92
CA ILE C 91 -28.27 22.21 -12.87
C ILE C 91 -28.84 23.60 -12.59
N LEU C 92 -29.08 24.37 -13.66
CA LEU C 92 -29.66 25.70 -13.52
C LEU C 92 -31.06 25.63 -12.90
N ARG C 93 -31.78 24.56 -13.20
CA ARG C 93 -33.13 24.39 -12.66
C ARG C 93 -33.09 24.17 -11.15
N TYR C 94 -32.29 23.21 -10.71
CA TYR C 94 -32.28 22.85 -9.29
C TYR C 94 -31.48 23.83 -8.43
N MET C 95 -30.62 24.63 -9.06
CA MET C 95 -29.92 25.70 -8.36
C MET C 95 -30.91 26.72 -7.79
N GLU C 96 -32.05 26.88 -8.47
CA GLU C 96 -33.07 27.82 -8.05
C GLU C 96 -33.69 27.44 -6.71
N MET C 97 -33.68 26.14 -6.41
CA MET C 97 -34.34 25.62 -5.21
C MET C 97 -33.39 25.51 -4.02
N VAL C 98 -32.08 25.52 -4.29
CA VAL C 98 -31.09 25.21 -3.27
C VAL C 98 -30.31 26.43 -2.81
N ASN C 99 -30.41 26.74 -1.52
CA ASN C 99 -29.65 27.83 -0.92
C ASN C 99 -28.36 27.34 -0.27
N PHE C 103 -23.03 24.65 4.23
CA PHE C 103 -22.22 23.49 4.59
C PHE C 103 -23.02 22.47 5.40
N VAL C 104 -23.34 21.35 4.76
CA VAL C 104 -24.19 20.34 5.39
C VAL C 104 -23.53 18.95 5.37
N LEU C 105 -23.85 18.13 6.36
CA LEU C 105 -23.38 16.75 6.38
C LEU C 105 -24.08 15.93 5.32
N PRO C 106 -23.32 15.09 4.60
CA PRO C 106 -23.94 14.18 3.63
C PRO C 106 -24.95 13.25 4.29
N GLY C 107 -26.02 12.95 3.56
CA GLY C 107 -27.00 11.96 4.00
C GLY C 107 -28.01 12.43 5.03
N GLY C 108 -28.59 13.61 4.82
CA GLY C 108 -29.64 14.10 5.70
C GLY C 108 -30.82 13.15 5.74
N THR C 109 -31.08 12.49 4.61
CA THR C 109 -32.08 11.43 4.52
C THR C 109 -31.46 10.23 3.83
N LEU C 110 -32.10 9.06 3.94
CA LEU C 110 -31.58 7.86 3.29
C LEU C 110 -31.49 8.04 1.78
N GLU C 111 -32.51 8.69 1.22
CA GLU C 111 -32.58 8.96 -0.21
C GLU C 111 -31.45 9.87 -0.68
N SER C 112 -31.27 11.00 -0.01
CA SER C 112 -30.22 11.93 -0.37
C SER C 112 -28.84 11.30 -0.15
N ALA C 113 -28.75 10.38 0.80
CA ALA C 113 -27.48 9.70 1.06
C ALA C 113 -27.02 8.88 -0.14
N LYS C 114 -27.98 8.25 -0.84
CA LYS C 114 -27.67 7.47 -2.04
C LYS C 114 -27.11 8.36 -3.14
N LEU C 115 -27.70 9.53 -3.31
CA LEU C 115 -27.24 10.44 -4.34
C LEU C 115 -25.88 11.04 -3.97
N ASP C 116 -25.63 11.21 -2.68
CA ASP C 116 -24.32 11.67 -2.23
C ASP C 116 -23.25 10.62 -2.52
N VAL C 117 -23.61 9.36 -2.37
CA VAL C 117 -22.69 8.28 -2.73
C VAL C 117 -22.37 8.34 -4.22
N CYS C 118 -23.41 8.39 -5.05
CA CYS C 118 -23.24 8.47 -6.50
C CYS C 118 -22.39 9.65 -6.93
N ARG C 119 -22.58 10.78 -6.25
CA ARG C 119 -21.79 11.97 -6.51
C ARG C 119 -20.29 11.70 -6.33
N THR C 120 -19.93 11.07 -5.22
CA THR C 120 -18.52 10.80 -4.94
C THR C 120 -17.95 9.75 -5.90
N ILE C 121 -18.79 8.82 -6.36
CA ILE C 121 -18.35 7.82 -7.33
C ILE C 121 -18.11 8.48 -8.68
N ALA C 122 -18.93 9.48 -8.99
CA ALA C 122 -18.80 10.22 -10.23
C ALA C 122 -17.46 10.98 -10.26
N ARG C 123 -17.07 11.54 -9.13
CA ARG C 123 -15.77 12.19 -8.98
C ARG C 123 -14.64 11.17 -9.10
N ARG C 124 -14.85 9.97 -8.58
CA ARG C 124 -13.82 8.94 -8.67
C ARG C 124 -13.66 8.51 -10.14
N ALA C 125 -14.77 8.37 -10.85
CA ALA C 125 -14.71 8.08 -12.28
C ALA C 125 -14.04 9.22 -13.05
N LEU C 126 -14.36 10.46 -12.65
CA LEU C 126 -13.74 11.63 -13.26
C LEU C 126 -12.21 11.56 -13.14
N ARG C 127 -11.69 11.20 -11.97
CA ARG C 127 -10.23 11.10 -11.81
C ARG C 127 -9.65 10.04 -12.74
N LYS C 128 -10.36 8.93 -12.90
CA LYS C 128 -9.88 7.84 -13.76
C LYS C 128 -9.89 8.27 -15.23
N VAL C 129 -10.94 8.98 -15.64
CA VAL C 129 -11.04 9.45 -17.02
C VAL C 129 -9.98 10.53 -17.31
N LEU C 130 -9.76 11.42 -16.34
CA LEU C 130 -8.70 12.43 -16.49
C LEU C 130 -7.34 11.82 -16.79
N THR C 131 -7.03 10.67 -16.19
CA THR C 131 -5.78 9.98 -16.47
C THR C 131 -5.73 9.55 -17.94
N VAL C 132 -6.84 9.01 -18.43
CA VAL C 132 -6.92 8.61 -19.83
C VAL C 132 -6.75 9.82 -20.77
N THR C 133 -7.39 10.93 -20.42
CA THR C 133 -7.29 12.14 -21.23
C THR C 133 -5.86 12.66 -21.29
N ARG C 134 -5.19 12.64 -20.16
CA ARG C 134 -3.82 13.10 -20.07
C ARG C 134 -2.89 12.19 -20.87
N GLU C 135 -3.12 10.89 -20.81
CA GLU C 135 -2.26 9.92 -21.49
C GLU C 135 -2.57 9.75 -22.98
N PHE C 136 -3.85 9.65 -23.31
CA PHE C 136 -4.26 9.27 -24.66
C PHE C 136 -4.91 10.38 -25.46
N GLY C 137 -5.22 11.50 -24.81
CA GLY C 137 -5.76 12.66 -25.50
C GLY C 137 -7.22 12.52 -25.90
N ILE C 138 -7.93 11.59 -25.26
CA ILE C 138 -9.36 11.39 -25.52
C ILE C 138 -10.16 11.42 -24.23
N GLY C 139 -11.46 11.67 -24.35
CA GLY C 139 -12.36 11.62 -23.20
C GLY C 139 -12.53 12.93 -22.48
N ALA C 140 -12.10 14.03 -23.10
CA ALA C 140 -12.25 15.34 -22.51
C ALA C 140 -13.72 15.71 -22.31
N GLU C 141 -14.52 15.45 -23.35
CA GLU C 141 -15.96 15.69 -23.29
C GLU C 141 -16.62 14.83 -22.21
N ALA C 142 -16.18 13.57 -22.12
CA ALA C 142 -16.68 12.66 -21.10
C ALA C 142 -16.31 13.15 -19.70
N ALA C 143 -15.09 13.68 -19.56
CA ALA C 143 -14.65 14.23 -18.27
C ALA C 143 -15.53 15.42 -17.87
N ALA C 144 -15.81 16.29 -18.83
CA ALA C 144 -16.66 17.45 -18.58
C ALA C 144 -18.05 16.99 -18.12
N TYR C 145 -18.57 15.96 -18.78
CA TYR C 145 -19.89 15.42 -18.46
C TYR C 145 -19.92 14.93 -17.01
N LEU C 146 -18.89 14.18 -16.63
CA LEU C 146 -18.82 13.61 -15.29
C LEU C 146 -18.71 14.69 -14.22
N LEU C 147 -17.97 15.75 -14.51
CA LEU C 147 -17.86 16.89 -13.60
C LEU C 147 -19.24 17.53 -13.39
N ALA C 148 -19.93 17.82 -14.49
CA ALA C 148 -21.27 18.43 -14.40
C ALA C 148 -22.26 17.49 -13.71
N LEU C 149 -22.15 16.19 -14.00
CA LEU C 149 -22.98 15.18 -13.36
C LEU C 149 -22.84 15.20 -11.83
N SER C 150 -21.61 15.32 -11.35
CA SER C 150 -21.35 15.32 -9.92
C SER C 150 -21.99 16.54 -9.28
N ASP C 151 -22.00 17.66 -10.00
CA ASP C 151 -22.66 18.87 -9.52
C ASP C 151 -24.18 18.67 -9.45
N LEU C 152 -24.76 18.06 -10.48
CA LEU C 152 -26.19 17.79 -10.50
C LEU C 152 -26.58 16.88 -9.35
N LEU C 153 -25.78 15.85 -9.11
CA LEU C 153 -26.09 14.88 -8.06
C LEU C 153 -26.06 15.55 -6.68
N PHE C 154 -25.11 16.45 -6.46
CA PHE C 154 -25.11 17.27 -5.24
C PHE C 154 -26.43 18.03 -5.09
N LEU C 155 -26.85 18.69 -6.16
CA LEU C 155 -28.08 19.47 -6.15
C LEU C 155 -29.31 18.59 -5.90
N LEU C 156 -29.37 17.43 -6.54
CA LEU C 156 -30.50 16.54 -6.37
C LEU C 156 -30.61 16.06 -4.92
N ALA C 157 -29.46 15.80 -4.31
CA ALA C 157 -29.43 15.34 -2.93
C ALA C 157 -29.95 16.43 -1.98
N ARG C 158 -29.60 17.68 -2.26
CA ARG C 158 -30.05 18.80 -1.44
C ARG C 158 -31.53 19.10 -1.65
N VAL C 159 -32.03 18.90 -2.87
CA VAL C 159 -33.44 19.17 -3.12
C VAL C 159 -34.32 18.19 -2.34
N ILE C 160 -33.91 16.93 -2.31
CA ILE C 160 -34.64 15.91 -1.55
C ILE C 160 -34.72 16.27 -0.06
N GLU C 161 -33.59 16.65 0.52
CA GLU C 161 -33.54 17.02 1.93
C GLU C 161 -34.40 18.24 2.24
N ILE C 162 -34.39 19.22 1.35
CA ILE C 162 -35.13 20.46 1.55
C ILE C 162 -36.64 20.23 1.55
N GLU C 163 -37.10 19.34 0.67
CA GLU C 163 -38.51 18.95 0.64
C GLU C 163 -38.93 18.21 1.92
N LYS C 164 -38.02 17.45 2.50
CA LYS C 164 -38.31 16.64 3.67
C LYS C 164 -37.99 17.37 4.99
N ASN C 165 -37.51 18.60 4.87
CA ASN C 165 -37.14 19.43 6.03
C ASN C 165 -36.18 18.72 6.98
N LYS D 23 -4.89 20.65 -6.83
CA LYS D 23 -3.98 20.51 -7.96
C LYS D 23 -3.31 19.13 -7.99
N ASP D 24 -2.61 18.78 -6.92
CA ASP D 24 -1.84 17.54 -6.85
C ASP D 24 -2.75 16.30 -6.82
N SER D 25 -2.49 15.37 -7.73
CA SER D 25 -3.29 14.16 -7.84
C SER D 25 -3.44 13.37 -6.53
N PRO D 26 -2.35 13.18 -5.76
CA PRO D 26 -2.55 12.45 -4.50
C PRO D 26 -3.46 13.19 -3.52
N ILE D 27 -3.37 14.52 -3.50
CA ILE D 27 -4.25 15.33 -2.68
C ILE D 27 -5.71 15.16 -3.11
N ILE D 28 -5.95 15.37 -4.40
CA ILE D 28 -7.27 15.23 -4.98
C ILE D 28 -7.86 13.84 -4.71
N GLU D 29 -7.03 12.81 -4.88
CA GLU D 29 -7.48 11.44 -4.65
C GLU D 29 -7.82 11.18 -3.18
N ALA D 30 -6.99 11.68 -2.27
CA ALA D 30 -7.25 11.53 -0.85
C ALA D 30 -8.52 12.28 -0.44
N ASN D 31 -8.64 13.53 -0.89
CA ASN D 31 -9.84 14.31 -0.57
C ASN D 31 -11.11 13.66 -1.14
N GLY D 32 -11.01 13.16 -2.36
CA GLY D 32 -12.14 12.52 -3.00
C GLY D 32 -12.58 11.26 -2.28
N THR D 33 -11.61 10.47 -1.81
CA THR D 33 -11.93 9.22 -1.14
C THR D 33 -12.48 9.46 0.28
N LEU D 34 -11.96 10.48 0.96
CA LEU D 34 -12.54 10.92 2.23
C LEU D 34 -14.00 11.35 2.06
N ASP D 35 -14.26 12.03 0.95
CA ASP D 35 -15.61 12.48 0.62
C ASP D 35 -16.53 11.28 0.44
N GLU D 36 -16.03 10.25 -0.25
CA GLU D 36 -16.78 9.02 -0.44
C GLU D 36 -17.06 8.31 0.88
N LEU D 37 -16.10 8.39 1.81
CA LEU D 37 -16.26 7.75 3.12
C LEU D 37 -17.39 8.40 3.92
N THR D 38 -17.43 9.72 3.97
CA THR D 38 -18.45 10.38 4.77
C THR D 38 -19.82 10.24 4.12
N SER D 39 -19.84 10.03 2.82
CA SER D 39 -21.11 9.77 2.12
C SER D 39 -21.67 8.39 2.46
N PHE D 40 -20.80 7.36 2.49
CA PHE D 40 -21.24 6.03 2.89
C PHE D 40 -21.65 5.98 4.35
N ILE D 41 -20.94 6.74 5.20
CA ILE D 41 -21.32 6.86 6.59
C ILE D 41 -22.68 7.56 6.68
N GLY D 42 -22.86 8.55 5.81
CA GLY D 42 -24.13 9.25 5.71
C GLY D 42 -25.28 8.30 5.38
N GLU D 43 -25.01 7.28 4.58
CA GLU D 43 -26.05 6.29 4.28
C GLU D 43 -26.27 5.33 5.45
N ALA D 44 -25.17 4.87 6.04
CA ALA D 44 -25.21 3.87 7.11
C ALA D 44 -25.96 4.37 8.35
N LYS D 45 -25.83 5.67 8.64
CA LYS D 45 -26.38 6.21 9.88
C LYS D 45 -27.90 6.16 9.95
N HIS D 46 -28.56 5.83 8.83
CA HIS D 46 -30.01 5.67 8.83
C HIS D 46 -30.42 4.23 9.15
N TYR D 47 -29.44 3.39 9.45
CA TYR D 47 -29.72 1.99 9.73
C TYR D 47 -29.34 1.62 11.17
N VAL D 48 -28.71 2.55 11.89
CA VAL D 48 -28.30 2.29 13.27
C VAL D 48 -29.18 3.04 14.28
N ASP D 49 -29.00 2.76 15.56
CA ASP D 49 -29.81 3.41 16.59
C ASP D 49 -29.28 4.80 16.90
N GLU D 50 -29.97 5.51 17.79
CA GLU D 50 -29.69 6.92 18.04
C GLU D 50 -28.29 7.21 18.57
N GLU D 51 -27.80 6.40 19.50
CA GLU D 51 -26.46 6.60 20.04
C GLU D 51 -25.41 6.44 18.95
N MET D 52 -25.52 5.37 18.17
CA MET D 52 -24.58 5.12 17.08
C MET D 52 -24.71 6.17 15.99
N LYS D 53 -25.93 6.64 15.75
CA LYS D 53 -26.14 7.71 14.78
C LYS D 53 -25.38 8.97 15.21
N GLY D 54 -25.46 9.32 16.50
CA GLY D 54 -24.76 10.44 17.06
C GLY D 54 -23.25 10.33 16.88
N ILE D 55 -22.73 9.13 17.14
CA ILE D 55 -21.30 8.85 16.96
C ILE D 55 -20.88 8.99 15.49
N LEU D 56 -21.69 8.44 14.59
CA LEU D 56 -21.38 8.48 13.17
C LEU D 56 -21.40 9.92 12.64
N GLU D 57 -22.28 10.75 13.18
CA GLU D 57 -22.34 12.15 12.76
C GLU D 57 -21.17 12.98 13.29
N GLU D 58 -20.68 12.64 14.49
CA GLU D 58 -19.45 13.26 14.98
C GLU D 58 -18.29 12.90 14.04
N ILE D 59 -18.26 11.65 13.61
CA ILE D 59 -17.25 11.17 12.68
C ILE D 59 -17.31 11.92 11.35
N GLN D 60 -18.50 12.17 10.84
CA GLN D 60 -18.65 12.94 9.61
C GLN D 60 -18.04 14.34 9.75
N ASN D 61 -18.23 14.96 10.91
CA ASN D 61 -17.64 16.27 11.17
C ASN D 61 -16.12 16.22 11.24
N ASP D 62 -15.57 15.19 11.86
CA ASP D 62 -14.13 14.97 11.91
C ASP D 62 -13.55 14.81 10.51
N ILE D 63 -14.26 14.09 9.65
CA ILE D 63 -13.81 13.86 8.29
C ILE D 63 -13.80 15.17 7.49
N TYR D 64 -14.80 16.01 7.74
CA TYR D 64 -14.87 17.31 7.11
C TYR D 64 -13.66 18.16 7.50
N LYS D 65 -13.31 18.12 8.79
CA LYS D 65 -12.12 18.80 9.27
C LYS D 65 -10.85 18.25 8.61
N ILE D 66 -10.79 16.93 8.45
CA ILE D 66 -9.63 16.30 7.84
C ILE D 66 -9.50 16.72 6.37
N MET D 67 -10.62 16.76 5.65
CA MET D 67 -10.62 17.17 4.25
C MET D 67 -10.12 18.61 4.07
N GLY D 68 -10.47 19.49 5.00
CA GLY D 68 -10.01 20.87 4.95
C GLY D 68 -8.51 21.00 5.09
N GLU D 69 -7.91 20.19 5.96
CA GLU D 69 -6.46 20.21 6.16
C GLU D 69 -5.72 19.61 4.97
N ILE D 70 -6.20 18.46 4.51
CA ILE D 70 -5.54 17.77 3.40
C ILE D 70 -5.65 18.59 2.13
N GLY D 71 -6.86 19.05 1.83
CA GLY D 71 -7.10 19.88 0.65
C GLY D 71 -6.29 21.16 0.63
N SER D 72 -5.83 21.60 1.80
CA SER D 72 -5.02 22.81 1.90
C SER D 72 -3.53 22.50 2.09
N LYS D 73 -3.19 21.22 2.03
CA LYS D 73 -1.81 20.76 2.25
C LYS D 73 -1.24 21.23 3.59
N GLY D 74 -2.04 21.11 4.65
CA GLY D 74 -1.59 21.40 5.99
C GLY D 74 -1.59 22.86 6.38
N LYS D 75 -2.27 23.70 5.60
CA LYS D 75 -2.34 25.11 5.90
C LYS D 75 -3.48 25.43 6.86
N ILE D 76 -4.62 24.78 6.67
CA ILE D 76 -5.71 24.84 7.63
C ILE D 76 -5.57 23.66 8.60
N GLU D 77 -5.73 23.92 9.90
CA GLU D 77 -5.57 22.89 10.92
C GLU D 77 -6.53 21.71 10.73
N GLY D 78 -6.05 20.51 11.02
CA GLY D 78 -6.85 19.30 10.91
C GLY D 78 -7.45 18.86 12.24
N ILE D 79 -7.60 17.56 12.43
CA ILE D 79 -8.15 17.04 13.68
C ILE D 79 -7.15 17.16 14.83
N SER D 80 -7.67 17.50 16.00
CA SER D 80 -6.85 17.54 17.21
C SER D 80 -6.62 16.13 17.72
N GLU D 81 -5.61 15.97 18.58
CA GLU D 81 -5.29 14.69 19.18
C GLU D 81 -6.44 14.19 20.06
N GLU D 82 -7.27 15.12 20.55
CA GLU D 82 -8.42 14.78 21.37
C GLU D 82 -9.46 13.97 20.59
N ARG D 83 -9.53 14.19 19.28
CA ARG D 83 -10.47 13.46 18.44
C ARG D 83 -10.04 12.00 18.32
N ILE D 84 -8.73 11.77 18.29
CA ILE D 84 -8.20 10.42 18.30
C ILE D 84 -8.42 9.77 19.66
N ALA D 85 -8.23 10.54 20.73
CA ALA D 85 -8.50 10.04 22.08
C ALA D 85 -9.96 9.61 22.22
N TRP D 86 -10.84 10.37 21.59
CA TRP D 86 -12.27 10.07 21.59
C TRP D 86 -12.57 8.71 20.94
N LEU D 87 -12.00 8.45 19.78
CA LEU D 87 -12.17 7.16 19.11
C LEU D 87 -11.65 6.02 19.98
N LEU D 88 -10.50 6.24 20.61
CA LEU D 88 -9.89 5.22 21.45
C LEU D 88 -10.77 4.89 22.66
N LYS D 89 -11.44 5.90 23.20
CA LYS D 89 -12.38 5.70 24.30
C LYS D 89 -13.51 4.77 23.87
N LEU D 90 -14.05 5.02 22.68
CA LEU D 90 -15.14 4.20 22.17
C LEU D 90 -14.66 2.78 21.85
N ILE D 91 -13.45 2.68 21.32
CA ILE D 91 -12.87 1.38 21.01
C ILE D 91 -12.72 0.53 22.27
N LEU D 92 -12.22 1.13 23.34
CA LEU D 92 -12.09 0.42 24.61
C LEU D 92 -13.46 0.03 25.18
N ARG D 93 -14.45 0.90 25.00
CA ARG D 93 -15.80 0.62 25.48
C ARG D 93 -16.40 -0.59 24.76
N TYR D 94 -16.26 -0.64 23.44
CA TYR D 94 -16.92 -1.69 22.66
C TYR D 94 -16.12 -3.00 22.63
N MET D 95 -14.84 -2.93 22.95
CA MET D 95 -14.03 -4.15 23.06
C MET D 95 -14.54 -5.03 24.19
N GLU D 96 -15.07 -4.40 25.25
CA GLU D 96 -15.64 -5.13 26.37
C GLU D 96 -16.82 -6.00 25.95
N MET D 97 -17.47 -5.62 24.85
CA MET D 97 -18.70 -6.29 24.41
C MET D 97 -18.43 -7.34 23.36
N VAL D 98 -17.22 -7.36 22.81
CA VAL D 98 -16.88 -8.24 21.70
C VAL D 98 -15.76 -9.21 22.09
N ASN D 99 -16.10 -10.49 22.20
CA ASN D 99 -15.12 -11.52 22.55
C ASN D 99 -15.13 -12.67 21.53
N LEU D 100 -14.72 -12.36 20.31
CA LEU D 100 -14.78 -13.31 19.20
C LEU D 100 -13.78 -14.46 19.36
N LYS D 101 -14.26 -15.68 19.12
CA LYS D 101 -13.41 -16.86 19.19
C LYS D 101 -12.76 -17.15 17.83
N SER D 102 -13.40 -16.68 16.76
CA SER D 102 -12.93 -16.95 15.41
C SER D 102 -13.11 -15.75 14.49
N PHE D 103 -12.73 -15.92 13.23
CA PHE D 103 -13.00 -14.93 12.20
C PHE D 103 -14.45 -15.09 11.74
N VAL D 104 -15.09 -13.98 11.39
CA VAL D 104 -16.52 -13.99 11.06
C VAL D 104 -16.72 -13.44 9.64
N LEU D 105 -17.79 -13.86 8.97
CA LEU D 105 -18.10 -13.31 7.64
C LEU D 105 -18.74 -11.94 7.80
N PRO D 106 -18.32 -10.98 6.96
CA PRO D 106 -18.90 -9.64 7.00
C PRO D 106 -20.40 -9.63 6.74
N GLY D 107 -21.14 -8.77 7.44
CA GLY D 107 -22.54 -8.55 7.15
C GLY D 107 -23.52 -9.60 7.68
N GLY D 108 -23.40 -9.93 8.96
CA GLY D 108 -24.33 -10.87 9.57
C GLY D 108 -25.75 -10.33 9.55
N THR D 109 -25.89 -9.02 9.64
CA THR D 109 -27.18 -8.36 9.48
C THR D 109 -27.03 -7.26 8.44
N LEU D 110 -28.15 -6.73 7.96
CA LEU D 110 -28.12 -5.62 7.01
C LEU D 110 -27.39 -4.42 7.62
N GLU D 111 -27.71 -4.10 8.87
CA GLU D 111 -27.11 -2.95 9.55
C GLU D 111 -25.60 -3.10 9.69
N SER D 112 -25.16 -4.25 10.16
CA SER D 112 -23.74 -4.47 10.37
C SER D 112 -23.00 -4.50 9.04
N ALA D 113 -23.70 -4.92 7.97
CA ALA D 113 -23.10 -4.94 6.64
C ALA D 113 -22.75 -3.52 6.17
N LYS D 114 -23.63 -2.57 6.45
CA LYS D 114 -23.37 -1.17 6.07
C LYS D 114 -22.11 -0.66 6.79
N LEU D 115 -21.93 -1.07 8.03
CA LEU D 115 -20.77 -0.62 8.81
C LEU D 115 -19.49 -1.28 8.31
N ASP D 116 -19.61 -2.53 7.85
CA ASP D 116 -18.48 -3.24 7.27
C ASP D 116 -18.04 -2.58 5.98
N VAL D 117 -19.02 -2.12 5.19
CA VAL D 117 -18.73 -1.35 4.01
C VAL D 117 -17.99 -0.07 4.39
N CYS D 118 -18.49 0.64 5.40
CA CYS D 118 -17.83 1.86 5.85
C CYS D 118 -16.42 1.60 6.34
N ARG D 119 -16.22 0.49 7.05
CA ARG D 119 -14.90 0.12 7.54
C ARG D 119 -13.89 -0.02 6.40
N THR D 120 -14.30 -0.67 5.32
CA THR D 120 -13.39 -0.92 4.21
C THR D 120 -13.11 0.36 3.43
N ILE D 121 -14.10 1.24 3.32
CA ILE D 121 -13.89 2.54 2.68
C ILE D 121 -12.94 3.40 3.50
N ALA D 122 -13.02 3.28 4.82
CA ALA D 122 -12.13 4.01 5.70
C ALA D 122 -10.68 3.54 5.49
N ARG D 123 -10.52 2.23 5.32
CA ARG D 123 -9.22 1.66 4.99
C ARG D 123 -8.73 2.14 3.62
N ARG D 124 -9.63 2.26 2.66
CA ARG D 124 -9.24 2.75 1.35
C ARG D 124 -8.82 4.23 1.45
N ALA D 125 -9.56 5.00 2.24
CA ALA D 125 -9.19 6.39 2.52
C ALA D 125 -7.83 6.46 3.19
N LEU D 126 -7.60 5.58 4.16
CA LEU D 126 -6.31 5.52 4.84
C LEU D 126 -5.16 5.31 3.86
N ARG D 127 -5.35 4.43 2.87
CA ARG D 127 -4.31 4.18 1.87
C ARG D 127 -3.97 5.45 1.07
N LYS D 128 -5.00 6.22 0.73
CA LYS D 128 -4.80 7.45 -0.02
C LYS D 128 -4.11 8.51 0.82
N VAL D 129 -4.53 8.64 2.07
CA VAL D 129 -3.93 9.63 2.97
C VAL D 129 -2.47 9.27 3.28
N LEU D 130 -2.18 7.98 3.42
CA LEU D 130 -0.81 7.53 3.63
C LEU D 130 0.11 7.96 2.49
N THR D 131 -0.40 7.89 1.26
CA THR D 131 0.37 8.35 0.11
C THR D 131 0.68 9.84 0.24
N VAL D 132 -0.29 10.62 0.71
CA VAL D 132 -0.10 12.05 0.91
C VAL D 132 0.95 12.31 2.00
N THR D 133 0.88 11.55 3.09
CA THR D 133 1.82 11.70 4.20
C THR D 133 3.25 11.44 3.76
N ARG D 134 3.45 10.41 2.95
CA ARG D 134 4.79 10.00 2.56
C ARG D 134 5.38 10.94 1.51
N GLU D 135 4.53 11.62 0.75
CA GLU D 135 5.01 12.52 -0.29
C GLU D 135 5.08 13.99 0.16
N PHE D 136 4.17 14.41 1.04
CA PHE D 136 4.08 15.81 1.44
C PHE D 136 4.37 16.06 2.92
N GLY D 137 4.42 14.99 3.70
CA GLY D 137 4.74 15.11 5.10
C GLY D 137 3.62 15.67 5.96
N ILE D 138 2.40 15.63 5.44
CA ILE D 138 1.25 16.09 6.20
C ILE D 138 0.21 14.99 6.31
N GLY D 139 -0.63 15.08 7.35
CA GLY D 139 -1.77 14.19 7.48
C GLY D 139 -1.53 12.91 8.26
N ALA D 140 -0.48 12.89 9.07
CA ALA D 140 -0.19 11.71 9.89
C ALA D 140 -1.28 11.47 10.93
N GLU D 141 -1.72 12.54 11.60
CA GLU D 141 -2.80 12.45 12.59
C GLU D 141 -4.11 12.02 11.93
N ALA D 142 -4.36 12.53 10.73
CA ALA D 142 -5.54 12.12 9.97
C ALA D 142 -5.49 10.61 9.69
N ALA D 143 -4.32 10.14 9.28
CA ALA D 143 -4.13 8.72 8.98
C ALA D 143 -4.40 7.90 10.24
N ALA D 144 -3.84 8.34 11.36
CA ALA D 144 -4.04 7.67 12.64
C ALA D 144 -5.53 7.61 12.99
N TYR D 145 -6.24 8.69 12.70
CA TYR D 145 -7.67 8.78 12.96
C TYR D 145 -8.43 7.75 12.12
N LEU D 146 -8.08 7.64 10.85
CA LEU D 146 -8.75 6.71 9.94
C LEU D 146 -8.50 5.25 10.34
N LEU D 147 -7.29 4.97 10.81
CA LEU D 147 -6.96 3.62 11.26
C LEU D 147 -7.84 3.26 12.46
N ALA D 148 -7.89 4.15 13.45
CA ALA D 148 -8.71 3.92 14.64
C ALA D 148 -10.20 3.82 14.27
N LEU D 149 -10.63 4.65 13.32
CA LEU D 149 -12.01 4.63 12.85
C LEU D 149 -12.38 3.26 12.28
N SER D 150 -11.48 2.69 11.48
CA SER D 150 -11.74 1.40 10.87
C SER D 150 -11.84 0.33 11.95
N ASP D 151 -11.02 0.45 12.98
CA ASP D 151 -11.10 -0.47 14.13
C ASP D 151 -12.44 -0.32 14.86
N LEU D 152 -12.88 0.92 15.07
CA LEU D 152 -14.17 1.15 15.74
C LEU D 152 -15.35 0.60 14.92
N LEU D 153 -15.30 0.81 13.62
CA LEU D 153 -16.37 0.35 12.74
C LEU D 153 -16.47 -1.17 12.73
N PHE D 154 -15.33 -1.85 12.79
CA PHE D 154 -15.33 -3.31 12.95
C PHE D 154 -16.08 -3.72 14.20
N LEU D 155 -15.74 -3.07 15.32
CA LEU D 155 -16.36 -3.40 16.61
C LEU D 155 -17.86 -3.14 16.60
N LEU D 156 -18.28 -2.00 16.05
CA LEU D 156 -19.70 -1.67 16.02
C LEU D 156 -20.49 -2.69 15.21
N ALA D 157 -19.93 -3.10 14.09
CA ALA D 157 -20.52 -4.13 13.25
C ALA D 157 -20.74 -5.42 14.02
N ARG D 158 -19.70 -5.86 14.75
CA ARG D 158 -19.81 -7.08 15.53
C ARG D 158 -20.81 -6.96 16.67
N VAL D 159 -20.82 -5.82 17.36
CA VAL D 159 -21.74 -5.60 18.47
C VAL D 159 -23.18 -5.79 18.02
N ILE D 160 -23.52 -5.19 16.88
CA ILE D 160 -24.86 -5.32 16.31
C ILE D 160 -25.20 -6.78 16.03
N GLU D 161 -24.22 -7.52 15.50
CA GLU D 161 -24.42 -8.94 15.21
C GLU D 161 -24.55 -9.76 16.48
N ILE D 162 -23.83 -9.36 17.54
CA ILE D 162 -23.96 -10.02 18.85
C ILE D 162 -25.37 -9.83 19.38
N GLU D 163 -25.86 -8.59 19.29
CA GLU D 163 -27.15 -8.20 19.83
C GLU D 163 -28.31 -8.96 19.18
N LYS D 164 -28.13 -9.35 17.91
CA LYS D 164 -29.17 -10.04 17.17
C LYS D 164 -28.81 -11.52 16.95
N ASN D 165 -27.68 -11.93 17.50
CA ASN D 165 -27.18 -13.29 17.39
C ASN D 165 -27.00 -13.74 15.95
N LYS D 166 -26.19 -12.99 15.20
CA LYS D 166 -26.02 -13.23 13.78
C LYS D 166 -24.54 -13.33 13.40
N LEU D 167 -23.72 -13.83 14.32
CA LEU D 167 -22.32 -14.13 14.00
C LEU D 167 -22.21 -15.32 13.08
N LYS D 168 -21.69 -15.11 11.88
CA LYS D 168 -21.46 -16.22 10.95
C LYS D 168 -19.96 -16.53 10.83
N GLU D 169 -19.51 -17.54 11.56
CA GLU D 169 -18.11 -17.92 11.60
C GLU D 169 -17.61 -18.39 10.22
N VAL D 170 -16.38 -18.01 9.90
CA VAL D 170 -15.74 -18.47 8.68
C VAL D 170 -15.58 -19.99 8.68
N ARG D 171 -15.89 -20.62 7.55
CA ARG D 171 -15.82 -22.08 7.43
C ARG D 171 -14.38 -22.59 7.40
N PRO E 2 -12.65 35.55 -14.01
CA PRO E 2 -12.45 35.23 -15.43
C PRO E 2 -12.94 36.33 -16.36
N HIS E 3 -12.43 36.34 -17.60
CA HIS E 3 -12.81 37.34 -18.59
C HIS E 3 -13.37 36.63 -19.83
N LEU E 4 -14.57 37.00 -20.24
CA LEU E 4 -15.21 36.42 -21.42
C LEU E 4 -15.41 37.46 -22.50
N VAL E 5 -14.93 37.17 -23.72
CA VAL E 5 -15.20 38.04 -24.88
C VAL E 5 -16.04 37.30 -25.90
N ILE E 6 -17.16 37.90 -26.31
CA ILE E 6 -18.00 37.31 -27.34
C ILE E 6 -18.00 38.18 -28.60
N GLU E 7 -17.57 37.60 -29.72
CA GLU E 7 -17.51 38.33 -30.99
C GLU E 7 -18.55 37.79 -31.97
N ALA E 8 -19.36 38.70 -32.51
CA ALA E 8 -20.40 38.32 -33.46
C ALA E 8 -20.32 39.20 -34.70
N THR E 9 -20.36 38.58 -35.88
CA THR E 9 -20.37 39.34 -37.12
C THR E 9 -21.65 40.16 -37.19
N ALA E 10 -21.57 41.33 -37.83
CA ALA E 10 -22.69 42.28 -37.87
C ALA E 10 -23.95 41.71 -38.55
N ASN E 11 -23.77 40.68 -39.37
CA ASN E 11 -24.89 40.09 -40.11
C ASN E 11 -25.51 38.92 -39.36
N LEU E 12 -25.06 38.67 -38.13
CA LEU E 12 -25.62 37.61 -37.32
C LEU E 12 -26.90 38.07 -36.61
N ARG E 13 -27.97 37.30 -36.75
CA ARG E 13 -29.21 37.56 -36.02
C ARG E 13 -29.29 36.70 -34.75
N LEU E 14 -29.62 37.34 -33.64
CA LEU E 14 -29.71 36.69 -32.34
C LEU E 14 -31.15 36.63 -31.85
N GLU E 15 -31.47 35.63 -31.04
CA GLU E 15 -32.81 35.48 -30.48
C GLU E 15 -33.02 36.44 -29.32
N THR E 16 -31.93 36.96 -28.79
CA THR E 16 -31.97 37.92 -27.69
C THR E 16 -31.00 39.08 -27.94
N SER E 17 -31.06 40.09 -27.08
CA SER E 17 -30.12 41.19 -27.13
C SER E 17 -28.74 40.75 -26.67
N PRO E 18 -27.69 41.49 -27.08
CA PRO E 18 -26.35 41.29 -26.54
C PRO E 18 -26.33 41.26 -25.01
N GLY E 19 -27.05 42.18 -24.38
CA GLY E 19 -27.15 42.24 -22.94
C GLY E 19 -27.68 40.96 -22.31
N GLU E 20 -28.79 40.47 -22.84
CA GLU E 20 -29.40 39.23 -22.35
CA GLU E 20 -29.39 39.23 -22.34
C GLU E 20 -28.46 38.05 -22.56
N LEU E 21 -27.75 38.05 -23.69
CA LEU E 21 -26.78 36.98 -23.98
C LEU E 21 -25.66 36.96 -22.95
N LEU E 22 -25.15 38.14 -22.60
CA LEU E 22 -24.09 38.25 -21.60
C LEU E 22 -24.57 37.75 -20.24
N GLU E 23 -25.83 38.06 -19.91
CA GLU E 23 -26.43 37.58 -18.66
C GLU E 23 -26.52 36.06 -18.64
N GLN E 24 -26.93 35.47 -19.75
CA GLN E 24 -27.04 34.02 -19.83
C GLN E 24 -25.67 33.36 -19.70
N ALA E 25 -24.66 33.96 -20.35
CA ALA E 25 -23.30 33.43 -20.29
C ALA E 25 -22.78 33.47 -18.87
N ASN E 26 -23.02 34.57 -18.16
CA ASN E 26 -22.54 34.72 -16.80
C ASN E 26 -23.21 33.72 -15.85
N LYS E 27 -24.51 33.48 -16.06
CA LYS E 27 -25.22 32.48 -15.26
C LYS E 27 -24.68 31.07 -15.50
N ALA E 28 -24.35 30.78 -16.76
CA ALA E 28 -23.81 29.46 -17.10
C ALA E 28 -22.42 29.28 -16.50
N LEU E 29 -21.60 30.32 -16.54
CA LEU E 29 -20.26 30.28 -15.97
C LEU E 29 -20.32 30.12 -14.45
N PHE E 30 -21.25 30.82 -13.81
CA PHE E 30 -21.40 30.71 -12.37
C PHE E 30 -21.85 29.31 -11.96
N ALA E 31 -22.67 28.70 -12.81
CA ALA E 31 -23.25 27.38 -12.51
C ALA E 31 -22.20 26.28 -12.52
N SER E 32 -21.00 26.59 -13.01
CA SER E 32 -19.88 25.65 -12.95
C SER E 32 -19.41 25.50 -11.50
N GLY E 33 -19.60 26.55 -10.71
CA GLY E 33 -19.20 26.54 -9.31
C GLY E 33 -17.74 26.89 -9.09
N GLN E 34 -17.07 27.30 -10.16
CA GLN E 34 -15.63 27.58 -10.11
C GLN E 34 -15.30 28.99 -9.67
N PHE E 35 -16.23 29.92 -9.85
CA PHE E 35 -15.92 31.33 -9.68
C PHE E 35 -16.87 32.05 -8.72
N GLY E 36 -16.35 33.09 -8.08
CA GLY E 36 -17.18 34.00 -7.32
C GLY E 36 -17.97 34.84 -8.31
N GLU E 37 -19.23 35.10 -7.96
CA GLU E 37 -20.16 35.85 -8.80
C GLU E 37 -19.53 37.13 -9.35
N ALA E 38 -18.96 37.95 -8.46
CA ALA E 38 -18.41 39.25 -8.83
C ALA E 38 -17.17 39.19 -9.75
N ASP E 39 -16.57 38.01 -9.89
CA ASP E 39 -15.34 37.85 -10.67
C ASP E 39 -15.58 37.57 -12.15
N ILE E 40 -16.82 37.25 -12.51
CA ILE E 40 -17.15 36.96 -13.89
C ILE E 40 -17.39 38.23 -14.70
N LYS E 41 -16.44 38.58 -15.55
CA LYS E 41 -16.52 39.79 -16.34
C LYS E 41 -16.63 39.45 -17.83
N SER E 42 -17.73 39.87 -18.45
CA SER E 42 -17.98 39.51 -19.85
CA SER E 42 -17.96 39.51 -19.85
C SER E 42 -18.26 40.73 -20.70
N ARG E 43 -17.90 40.65 -21.97
CA ARG E 43 -18.16 41.74 -22.90
CA ARG E 43 -18.16 41.75 -22.90
C ARG E 43 -18.55 41.20 -24.26
N PHE E 44 -19.34 41.97 -25.00
CA PHE E 44 -19.85 41.59 -26.31
C PHE E 44 -19.34 42.57 -27.36
N VAL E 45 -18.84 42.04 -28.47
CA VAL E 45 -18.31 42.86 -29.55
C VAL E 45 -18.97 42.52 -30.89
N THR E 46 -19.44 43.54 -31.59
CA THR E 46 -19.97 43.34 -32.93
C THR E 46 -18.90 43.64 -33.98
N LEU E 47 -18.63 42.67 -34.83
CA LEU E 47 -17.61 42.82 -35.86
C LEU E 47 -18.19 43.49 -37.09
N GLU E 48 -17.70 44.68 -37.40
CA GLU E 48 -18.20 45.44 -38.54
C GLU E 48 -17.39 45.18 -39.81
N ALA E 49 -16.10 44.83 -39.65
CA ALA E 49 -15.24 44.54 -40.80
C ALA E 49 -14.70 43.13 -40.68
N TYR E 50 -15.27 42.22 -41.46
CA TYR E 50 -14.99 40.79 -41.32
C TYR E 50 -15.09 40.11 -42.68
N ARG E 51 -14.38 39.01 -42.83
CA ARG E 51 -14.45 38.15 -44.01
C ARG E 51 -14.30 36.71 -43.57
N GLN E 52 -15.21 35.85 -44.00
CA GLN E 52 -15.11 34.44 -43.73
C GLN E 52 -14.83 33.69 -45.03
N GLY E 53 -13.65 33.09 -45.11
CA GLY E 53 -13.26 32.33 -46.29
C GLY E 53 -12.90 33.19 -47.48
N THR E 54 -13.08 32.62 -48.67
CA THR E 54 -12.68 33.27 -49.90
C THR E 54 -13.82 33.27 -50.91
N ALA E 55 -14.78 32.36 -50.70
CA ALA E 55 -15.89 32.20 -51.62
C ALA E 55 -16.88 33.35 -51.51
N ALA E 56 -17.55 33.66 -52.62
CA ALA E 56 -18.56 34.71 -52.65
C ALA E 56 -19.86 34.21 -52.05
N VAL E 57 -19.80 33.80 -50.79
CA VAL E 57 -20.95 33.29 -50.07
C VAL E 57 -21.21 34.18 -48.85
N GLU E 58 -22.47 34.44 -48.54
CA GLU E 58 -22.82 35.20 -47.35
C GLU E 58 -22.80 34.30 -46.11
N ARG E 59 -21.90 34.60 -45.19
CA ARG E 59 -21.75 33.83 -43.95
C ARG E 59 -21.67 34.72 -42.70
N ALA E 60 -22.15 34.18 -41.59
CA ALA E 60 -22.09 34.84 -40.29
C ALA E 60 -21.43 33.89 -39.30
N TYR E 61 -20.67 34.41 -38.34
CA TYR E 61 -20.15 33.54 -37.29
C TYR E 61 -20.22 34.19 -35.92
N LEU E 62 -20.04 33.35 -34.90
CA LEU E 62 -20.12 33.75 -33.50
C LEU E 62 -18.98 33.04 -32.76
N HIS E 63 -18.10 33.81 -32.15
CA HIS E 63 -16.94 33.24 -31.45
C HIS E 63 -16.82 33.81 -30.05
N ALA E 64 -16.39 32.97 -29.11
CA ALA E 64 -16.16 33.41 -27.75
C ALA E 64 -14.80 32.95 -27.26
N CYS E 65 -14.17 33.79 -26.46
CA CYS E 65 -12.91 33.45 -25.82
C CYS E 65 -13.01 33.66 -24.32
N LEU E 66 -12.97 32.56 -23.56
CA LEU E 66 -12.96 32.64 -22.11
C LEU E 66 -11.54 32.52 -21.56
N SER E 67 -11.13 33.52 -20.80
CA SER E 67 -9.81 33.55 -20.19
C SER E 67 -9.90 33.35 -18.69
N ILE E 68 -9.26 32.29 -18.19
CA ILE E 68 -9.28 31.97 -16.77
C ILE E 68 -7.85 31.84 -16.26
N LEU E 69 -7.65 32.04 -14.96
CA LEU E 69 -6.34 31.79 -14.36
C LEU E 69 -6.03 30.30 -14.39
N ASP E 70 -4.79 29.95 -14.70
CA ASP E 70 -4.41 28.53 -14.81
C ASP E 70 -4.60 27.80 -13.48
N GLY E 71 -4.53 26.47 -13.52
CA GLY E 71 -4.67 25.68 -12.32
C GLY E 71 -5.81 24.66 -12.36
N ARG E 72 -6.82 24.96 -13.15
CA ARG E 72 -7.96 24.04 -13.30
CA ARG E 72 -7.97 24.06 -13.33
C ARG E 72 -7.61 22.94 -14.30
N ASP E 73 -8.25 21.78 -14.15
CA ASP E 73 -7.92 20.66 -15.02
C ASP E 73 -8.70 20.71 -16.34
N ILE E 74 -8.38 19.79 -17.24
CA ILE E 74 -8.96 19.79 -18.57
C ILE E 74 -10.48 19.54 -18.54
N ALA E 75 -10.95 18.78 -17.55
CA ALA E 75 -12.40 18.54 -17.41
C ALA E 75 -13.15 19.85 -17.21
N THR E 76 -12.61 20.70 -16.34
CA THR E 76 -13.22 21.98 -16.02
C THR E 76 -13.16 22.93 -17.21
N ARG E 77 -12.00 22.99 -17.86
CA ARG E 77 -11.85 23.87 -19.02
C ARG E 77 -12.82 23.47 -20.12
N THR E 78 -13.00 22.17 -20.31
CA THR E 78 -13.89 21.66 -21.34
C THR E 78 -15.35 21.91 -20.98
N LEU E 79 -15.70 21.74 -19.70
CA LEU E 79 -17.06 21.99 -19.26
C LEU E 79 -17.45 23.45 -19.46
N LEU E 80 -16.53 24.37 -19.17
CA LEU E 80 -16.76 25.79 -19.35
C LEU E 80 -17.01 26.16 -20.80
N GLY E 81 -16.21 25.58 -21.70
CA GLY E 81 -16.35 25.81 -23.13
C GLY E 81 -17.66 25.25 -23.65
N ALA E 82 -18.00 24.04 -23.20
CA ALA E 82 -19.24 23.38 -23.62
C ALA E 82 -20.46 24.14 -23.13
N SER E 83 -20.39 24.63 -21.89
CA SER E 83 -21.49 25.41 -21.31
CA SER E 83 -21.49 25.40 -21.32
C SER E 83 -21.74 26.68 -22.10
N LEU E 84 -20.66 27.41 -22.38
CA LEU E 84 -20.75 28.65 -23.16
C LEU E 84 -21.23 28.38 -24.58
N CYS E 85 -20.71 27.33 -25.21
CA CYS E 85 -21.08 27.01 -26.58
C CYS E 85 -22.57 26.71 -26.70
N ALA E 86 -23.12 26.03 -25.71
CA ALA E 86 -24.55 25.73 -25.70
C ALA E 86 -25.37 27.02 -25.60
N VAL E 87 -24.94 27.94 -24.73
CA VAL E 87 -25.60 29.21 -24.56
C VAL E 87 -25.56 30.05 -25.84
N LEU E 88 -24.40 30.09 -26.47
CA LEU E 88 -24.25 30.85 -27.71
C LEU E 88 -25.06 30.25 -28.86
N ALA E 89 -24.99 28.92 -29.01
CA ALA E 89 -25.69 28.25 -30.11
C ALA E 89 -27.20 28.44 -30.00
N GLU E 90 -27.73 28.37 -28.79
CA GLU E 90 -29.16 28.57 -28.57
C GLU E 90 -29.58 30.01 -28.87
N ALA E 91 -28.66 30.96 -28.70
CA ALA E 91 -28.97 32.37 -28.92
C ALA E 91 -29.05 32.74 -30.41
N VAL E 92 -28.53 31.86 -31.26
CA VAL E 92 -28.47 32.15 -32.70
C VAL E 92 -29.81 31.94 -33.41
N ALA E 93 -30.34 33.00 -34.01
CA ALA E 93 -31.55 32.89 -34.83
C ALA E 93 -31.18 32.51 -36.26
N GLY E 94 -30.10 33.10 -36.77
CA GLY E 94 -29.62 32.80 -38.11
C GLY E 94 -28.68 33.88 -38.63
N GLY E 95 -28.24 33.73 -39.88
CA GLY E 95 -27.39 34.71 -40.51
C GLY E 95 -26.78 34.21 -41.79
N GLY E 96 -26.59 35.10 -42.75
CA GLY E 96 -26.04 34.72 -44.03
C GLY E 96 -26.94 33.77 -44.81
N GLU E 97 -26.34 33.04 -45.75
CA GLU E 97 -27.12 32.17 -46.64
C GLU E 97 -26.96 30.70 -46.26
N GLU E 98 -26.31 30.44 -45.13
CA GLU E 98 -26.10 29.08 -44.68
C GLU E 98 -25.97 28.99 -43.16
N GLY E 99 -25.57 27.82 -42.67
CA GLY E 99 -25.42 27.61 -41.24
C GLY E 99 -24.41 28.54 -40.60
N VAL E 100 -24.60 28.79 -39.31
CA VAL E 100 -23.74 29.69 -38.55
C VAL E 100 -22.74 28.91 -37.70
N GLN E 101 -21.45 29.16 -37.91
CA GLN E 101 -20.41 28.52 -37.11
C GLN E 101 -20.30 29.21 -35.76
N VAL E 102 -20.49 28.43 -34.70
CA VAL E 102 -20.33 28.91 -33.35
C VAL E 102 -19.13 28.20 -32.73
N SER E 103 -18.24 28.97 -32.10
CA SER E 103 -17.05 28.39 -31.51
C SER E 103 -16.67 29.09 -30.20
N VAL E 104 -16.03 28.33 -29.31
CA VAL E 104 -15.61 28.83 -28.01
C VAL E 104 -14.20 28.32 -27.68
N GLU E 105 -13.30 29.24 -27.37
CA GLU E 105 -11.98 28.88 -26.88
C GLU E 105 -11.89 29.11 -25.38
N VAL E 106 -11.19 28.23 -24.67
CA VAL E 106 -10.84 28.51 -23.28
C VAL E 106 -9.33 28.62 -23.17
N ARG E 107 -8.84 29.75 -22.69
CA ARG E 107 -7.40 29.95 -22.54
C ARG E 107 -7.05 30.27 -21.09
N GLU E 108 -5.79 30.04 -20.73
CA GLU E 108 -5.34 30.19 -19.35
C GLU E 108 -4.36 31.35 -19.21
N MET E 109 -4.62 32.18 -18.21
CA MET E 109 -3.75 33.28 -17.89
C MET E 109 -2.75 32.82 -16.86
N GLU E 110 -1.51 33.27 -16.98
CA GLU E 110 -0.48 32.85 -16.02
C GLU E 110 -0.78 33.43 -14.65
N ARG E 111 -1.00 32.55 -13.67
CA ARG E 111 -1.39 32.98 -12.33
C ARG E 111 -0.23 33.65 -11.59
N LEU E 112 0.98 33.07 -11.69
CA LEU E 112 2.13 33.57 -10.96
C LEU E 112 2.45 35.05 -11.24
N SER E 113 2.25 35.50 -12.47
CA SER E 113 2.60 36.87 -12.84
C SER E 113 1.39 37.80 -12.82
N TYR E 114 0.20 37.23 -12.61
CA TYR E 114 -1.05 37.98 -12.64
C TYR E 114 -1.13 39.01 -11.52
N ALA E 115 -1.66 40.19 -11.86
CA ALA E 115 -1.79 41.26 -10.87
C ALA E 115 -3.23 41.71 -10.76
N LYS E 116 -3.73 41.82 -9.53
CA LYS E 116 -5.11 42.22 -9.31
C LYS E 116 -5.22 43.07 -8.04
N ARG E 117 -6.04 44.11 -8.13
CA ARG E 117 -6.28 45.04 -7.02
C ARG E 117 -7.72 45.53 -7.04
N VAL E 118 -8.23 45.92 -5.87
CA VAL E 118 -9.54 46.55 -5.80
C VAL E 118 -9.37 47.99 -5.28
N VAL E 119 -9.85 48.96 -6.06
CA VAL E 119 -9.76 50.36 -5.69
C VAL E 119 -11.07 50.85 -5.11
N PRO F 2 13.43 19.21 23.40
CA PRO F 2 14.46 18.16 23.41
C PRO F 2 14.64 17.48 24.78
N HIS F 3 15.15 16.26 24.77
CA HIS F 3 15.35 15.49 25.99
C HIS F 3 16.81 15.09 26.12
N LEU F 4 17.40 15.40 27.27
CA LEU F 4 18.78 15.04 27.53
C LEU F 4 18.91 14.12 28.74
N VAL F 5 19.58 12.99 28.55
CA VAL F 5 19.90 12.09 29.64
C VAL F 5 21.40 12.05 29.86
N ILE F 6 21.83 12.35 31.08
CA ILE F 6 23.25 12.29 31.42
C ILE F 6 23.49 11.13 32.39
N GLU F 7 24.41 10.25 32.02
CA GLU F 7 24.72 9.07 32.83
C GLU F 7 26.14 9.14 33.35
N ALA F 8 26.30 8.96 34.65
CA ALA F 8 27.62 8.98 35.27
C ALA F 8 27.82 7.75 36.15
N THR F 9 28.99 7.12 36.03
CA THR F 9 29.35 6.03 36.93
C THR F 9 29.49 6.54 38.36
N ALA F 10 29.13 5.70 39.33
CA ALA F 10 29.13 6.11 40.74
C ALA F 10 30.51 6.55 41.26
N ASN F 11 31.57 6.07 40.65
CA ASN F 11 32.92 6.43 41.07
C ASN F 11 33.44 7.70 40.40
N LEU F 12 32.58 8.37 39.64
CA LEU F 12 32.97 9.61 38.97
C LEU F 12 32.81 10.83 39.89
N ARG F 13 33.88 11.59 40.03
CA ARG F 13 33.84 12.82 40.81
C ARG F 13 33.62 14.04 39.91
N LEU F 14 32.59 14.83 40.23
CA LEU F 14 32.30 16.04 39.47
C LEU F 14 32.69 17.30 40.24
N GLU F 15 32.98 18.36 39.51
CA GLU F 15 33.29 19.66 40.11
C GLU F 15 32.04 20.33 40.67
N THR F 16 30.88 19.96 40.15
CA THR F 16 29.62 20.55 40.60
C THR F 16 28.59 19.48 40.93
N SER F 17 27.44 19.91 41.46
CA SER F 17 26.34 19.02 41.73
C SER F 17 25.69 18.61 40.42
N PRO F 18 24.97 17.47 40.42
CA PRO F 18 24.20 17.08 39.24
C PRO F 18 23.23 18.19 38.81
N GLY F 19 22.63 18.87 39.80
CA GLY F 19 21.72 19.96 39.52
C GLY F 19 22.37 21.07 38.72
N GLU F 20 23.56 21.48 39.15
CA GLU F 20 24.30 22.55 38.48
C GLU F 20 24.76 22.14 37.08
N LEU F 21 25.18 20.89 36.95
CA LEU F 21 25.58 20.36 35.66
C LEU F 21 24.42 20.41 34.65
N LEU F 22 23.23 20.04 35.10
CA LEU F 22 22.04 20.09 34.26
C LEU F 22 21.73 21.53 33.83
N GLU F 23 21.92 22.48 34.74
CA GLU F 23 21.68 23.88 34.45
C GLU F 23 22.66 24.39 33.39
N GLN F 24 23.92 23.98 33.51
CA GLN F 24 24.93 24.37 32.53
C GLN F 24 24.63 23.73 31.17
N ALA F 25 24.19 22.47 31.19
CA ALA F 25 23.83 21.76 29.97
C ALA F 25 22.66 22.44 29.27
N ASN F 26 21.64 22.81 30.03
CA ASN F 26 20.46 23.48 29.47
C ASN F 26 20.78 24.87 28.90
N LYS F 27 21.68 25.59 29.57
CA LYS F 27 22.12 26.89 29.07
C LYS F 27 22.88 26.75 27.76
N ALA F 28 23.71 25.72 27.66
CA ALA F 28 24.49 25.47 26.46
C ALA F 28 23.56 25.10 25.29
N LEU F 29 22.52 24.31 25.57
CA LEU F 29 21.55 23.95 24.55
C LEU F 29 20.74 25.15 24.08
N PHE F 30 20.39 26.03 25.01
CA PHE F 30 19.63 27.22 24.64
C PHE F 30 20.48 28.16 23.81
N ALA F 31 21.78 28.17 24.04
CA ALA F 31 22.70 29.04 23.29
C ALA F 31 22.76 28.68 21.81
N SER F 32 22.32 27.48 21.47
CA SER F 32 22.22 27.07 20.08
C SER F 32 21.19 27.90 19.32
N GLY F 33 20.19 28.40 20.04
CA GLY F 33 19.15 29.21 19.44
C GLY F 33 18.06 28.37 18.78
N GLN F 34 18.17 27.06 18.92
CA GLN F 34 17.28 26.11 18.24
C GLN F 34 16.01 25.80 19.02
N PHE F 35 16.00 26.05 20.33
CA PHE F 35 14.92 25.60 21.19
C PHE F 35 14.32 26.68 22.06
N GLY F 36 13.00 26.61 22.24
CA GLY F 36 12.33 27.42 23.25
C GLY F 36 12.83 26.96 24.61
N GLU F 37 13.01 27.90 25.52
CA GLU F 37 13.54 27.64 26.84
C GLU F 37 12.83 26.49 27.56
N ALA F 38 11.51 26.55 27.61
CA ALA F 38 10.73 25.57 28.36
C ALA F 38 10.77 24.15 27.77
N ASP F 39 11.21 24.02 26.53
CA ASP F 39 11.18 22.72 25.87
C ASP F 39 12.42 21.85 26.17
N ILE F 40 13.43 22.45 26.78
CA ILE F 40 14.65 21.70 27.10
C ILE F 40 14.49 20.93 28.41
N LYS F 41 14.42 19.60 28.31
CA LYS F 41 14.19 18.75 29.48
C LYS F 41 15.37 17.81 29.69
N SER F 42 16.05 17.96 30.81
CA SER F 42 17.24 17.16 31.07
CA SER F 42 17.24 17.15 31.08
C SER F 42 17.13 16.39 32.39
N ARG F 43 17.83 15.26 32.46
CA ARG F 43 17.88 14.45 33.66
CA ARG F 43 17.89 14.48 33.68
C ARG F 43 19.26 13.83 33.83
N PHE F 44 19.63 13.55 35.08
CA PHE F 44 20.92 12.99 35.43
C PHE F 44 20.71 11.68 36.17
N VAL F 45 21.47 10.66 35.77
CA VAL F 45 21.36 9.33 36.38
C VAL F 45 22.73 8.83 36.83
N THR F 46 22.81 8.34 38.07
CA THR F 46 24.02 7.72 38.59
C THR F 46 23.95 6.21 38.40
N LEU F 47 24.98 5.65 37.76
CA LEU F 47 25.02 4.21 37.50
C LEU F 47 25.68 3.49 38.68
N GLU F 48 24.98 2.52 39.25
CA GLU F 48 25.50 1.77 40.39
C GLU F 48 26.12 0.43 39.97
N ALA F 49 25.59 -0.16 38.91
CA ALA F 49 26.13 -1.42 38.41
C ALA F 49 26.67 -1.23 37.00
N TYR F 50 27.99 -1.15 36.87
CA TYR F 50 28.64 -0.82 35.60
C TYR F 50 29.95 -1.57 35.44
N ARG F 51 30.32 -1.83 34.19
CA ARG F 51 31.62 -2.40 33.85
C ARG F 51 32.13 -1.75 32.58
N GLN F 52 33.40 -1.35 32.59
CA GLN F 52 34.03 -0.80 31.41
C GLN F 52 35.20 -1.69 31.00
N GLY F 53 35.09 -2.29 29.83
CA GLY F 53 36.13 -3.16 29.32
C GLY F 53 36.18 -4.50 30.04
N THR F 54 37.34 -5.15 29.97
CA THR F 54 37.55 -6.45 30.59
C THR F 54 38.72 -6.40 31.57
N ALA F 55 39.49 -5.31 31.50
CA ALA F 55 40.67 -5.16 32.34
C ALA F 55 40.31 -4.87 33.80
N ALA F 56 41.19 -5.27 34.71
CA ALA F 56 40.99 -5.05 36.14
C ALA F 56 41.54 -3.69 36.56
N VAL F 57 41.13 -2.65 35.86
CA VAL F 57 41.57 -1.29 36.16
C VAL F 57 40.36 -0.43 36.52
N GLU F 58 40.48 0.35 37.59
CA GLU F 58 39.41 1.26 38.01
C GLU F 58 39.13 2.30 36.93
N ARG F 59 37.90 2.32 36.45
CA ARG F 59 37.52 3.23 35.37
C ARG F 59 36.19 3.94 35.65
N ALA F 60 36.13 5.21 35.28
CA ALA F 60 34.91 6.00 35.37
C ALA F 60 34.58 6.57 34.01
N TYR F 61 33.29 6.66 33.68
CA TYR F 61 32.92 7.31 32.44
C TYR F 61 31.67 8.17 32.61
N LEU F 62 31.48 9.08 31.66
CA LEU F 62 30.37 10.02 31.68
C LEU F 62 29.77 10.10 30.28
N HIS F 63 28.48 9.79 30.16
CA HIS F 63 27.84 9.71 28.85
C HIS F 63 26.54 10.50 28.80
N ALA F 64 26.29 11.17 27.67
CA ALA F 64 25.03 11.87 27.48
C ALA F 64 24.38 11.48 26.15
N CYS F 65 23.05 11.46 26.16
CA CYS F 65 22.29 11.22 24.95
C CYS F 65 21.24 12.32 24.80
N LEU F 66 21.38 13.13 23.76
CA LEU F 66 20.41 14.18 23.46
C LEU F 66 19.46 13.71 22.36
N SER F 67 18.16 13.72 22.67
CA SER F 67 17.13 13.36 21.71
C SER F 67 16.44 14.64 21.25
N ILE F 68 16.41 14.87 19.95
CA ILE F 68 15.72 16.03 19.39
C ILE F 68 14.79 15.56 18.28
N LEU F 69 13.72 16.33 18.04
CA LEU F 69 12.85 16.03 16.91
C LEU F 69 13.61 16.21 15.61
N ASP F 70 13.29 15.38 14.60
CA ASP F 70 14.04 15.40 13.36
C ASP F 70 13.77 16.68 12.56
N GLY F 71 14.63 16.94 11.58
CA GLY F 71 14.48 18.12 10.72
C GLY F 71 15.66 19.07 10.74
N ARG F 72 16.53 18.93 11.73
N ARG F 72 16.50 18.96 11.76
CA ARG F 72 17.68 19.81 11.86
CA ARG F 72 17.70 19.80 11.87
C ARG F 72 18.92 19.20 11.18
C ARG F 72 18.85 19.18 11.08
N ASP F 73 19.73 20.03 10.54
CA ASP F 73 20.83 19.53 9.71
C ASP F 73 22.01 19.00 10.51
N ILE F 74 22.96 18.37 9.82
CA ILE F 74 24.09 17.72 10.48
C ILE F 74 24.96 18.72 11.26
N ALA F 75 25.06 19.95 10.77
CA ALA F 75 25.86 20.97 11.46
C ALA F 75 25.28 21.27 12.84
N THR F 76 23.96 21.43 12.90
CA THR F 76 23.26 21.67 14.15
C THR F 76 23.44 20.50 15.12
N ARG F 77 23.25 19.29 14.61
CA ARG F 77 23.38 18.10 15.46
C ARG F 77 24.79 17.98 16.03
N THR F 78 25.78 18.18 15.17
CA THR F 78 27.18 18.11 15.57
C THR F 78 27.53 19.21 16.57
N LEU F 79 27.00 20.41 16.35
CA LEU F 79 27.25 21.52 17.27
C LEU F 79 26.64 21.25 18.63
N LEU F 80 25.42 20.71 18.63
CA LEU F 80 24.75 20.36 19.88
C LEU F 80 25.56 19.36 20.67
N GLY F 81 26.05 18.32 19.98
CA GLY F 81 26.87 17.31 20.62
C GLY F 81 28.15 17.89 21.20
N ALA F 82 28.83 18.73 20.42
CA ALA F 82 30.11 19.28 20.83
C ALA F 82 29.94 20.22 22.02
N SER F 83 28.87 21.01 21.99
CA SER F 83 28.55 21.95 23.07
CA SER F 83 28.55 21.95 23.07
C SER F 83 28.34 21.21 24.39
N LEU F 84 27.57 20.13 24.36
CA LEU F 84 27.32 19.30 25.54
C LEU F 84 28.59 18.61 26.03
N CYS F 85 29.40 18.11 25.09
CA CYS F 85 30.61 17.39 25.45
C CYS F 85 31.60 18.30 26.18
N ALA F 86 31.72 19.55 25.73
CA ALA F 86 32.57 20.53 26.38
C ALA F 86 32.12 20.80 27.81
N VAL F 87 30.81 20.97 28.00
CA VAL F 87 30.25 21.21 29.33
C VAL F 87 30.50 20.04 30.27
N LEU F 88 30.25 18.83 29.78
CA LEU F 88 30.43 17.63 30.60
C LEU F 88 31.90 17.43 30.94
N ALA F 89 32.77 17.62 29.95
CA ALA F 89 34.20 17.45 30.16
C ALA F 89 34.72 18.41 31.22
N GLU F 90 34.26 19.66 31.17
CA GLU F 90 34.68 20.65 32.14
C GLU F 90 34.19 20.31 33.55
N ALA F 91 33.07 19.61 33.67
CA ALA F 91 32.51 19.28 34.97
C ALA F 91 33.23 18.09 35.63
N VAL F 92 34.04 17.38 34.87
CA VAL F 92 34.73 16.22 35.41
C VAL F 92 35.91 16.62 36.29
N ALA F 93 35.93 16.11 37.52
CA ALA F 93 37.04 16.34 38.44
C ALA F 93 38.01 15.18 38.38
N GLY F 94 37.48 13.98 38.14
CA GLY F 94 38.27 12.77 38.08
C GLY F 94 37.47 11.55 38.51
N GLY F 95 38.14 10.40 38.53
CA GLY F 95 37.49 9.16 38.92
C GLY F 95 38.22 7.96 38.35
N GLY F 96 38.23 6.86 39.10
CA GLY F 96 38.96 5.69 38.67
C GLY F 96 40.46 5.92 38.77
N GLU F 97 41.23 5.05 38.13
CA GLU F 97 42.68 5.11 38.23
C GLU F 97 43.32 5.74 37.00
N GLU F 98 42.50 6.18 36.06
CA GLU F 98 43.03 6.79 34.84
C GLU F 98 42.10 7.85 34.28
N GLY F 99 42.23 8.11 32.99
CA GLY F 99 41.42 9.11 32.31
C GLY F 99 39.94 8.76 32.28
N VAL F 100 39.11 9.78 32.17
CA VAL F 100 37.67 9.61 32.13
C VAL F 100 37.12 9.85 30.72
N GLN F 101 36.49 8.83 30.15
CA GLN F 101 35.89 8.96 28.83
C GLN F 101 34.54 9.69 28.91
N VAL F 102 34.46 10.81 28.21
CA VAL F 102 33.23 11.58 28.12
C VAL F 102 32.72 11.49 26.69
N SER F 103 31.47 11.07 26.51
CA SER F 103 30.90 10.94 25.18
C SER F 103 29.47 11.48 25.14
N VAL F 104 29.06 11.96 23.96
CA VAL F 104 27.72 12.49 23.75
C VAL F 104 27.16 11.97 22.42
N GLU F 105 25.97 11.37 22.47
CA GLU F 105 25.24 11.01 21.27
C GLU F 105 24.14 12.04 21.00
N VAL F 106 23.91 12.34 19.73
CA VAL F 106 22.71 13.09 19.34
C VAL F 106 21.83 12.20 18.48
N ARG F 107 20.60 11.96 18.91
CA ARG F 107 19.68 11.12 18.15
C ARG F 107 18.42 11.91 17.78
N GLU F 108 17.68 11.40 16.80
CA GLU F 108 16.50 12.09 16.30
C GLU F 108 15.22 11.30 16.55
N MET F 109 14.22 11.99 17.10
CA MET F 109 12.92 11.38 17.32
C MET F 109 12.06 11.66 16.10
N GLU F 110 11.22 10.69 15.73
CA GLU F 110 10.37 10.88 14.56
C GLU F 110 9.31 11.94 14.83
N ARG F 111 9.35 13.01 14.03
CA ARG F 111 8.46 14.14 14.25
C ARG F 111 7.01 13.82 13.87
N LEU F 112 6.82 13.13 12.75
CA LEU F 112 5.47 12.84 12.25
C LEU F 112 4.60 12.08 13.24
N SER F 113 5.19 11.16 14.00
CA SER F 113 4.43 10.32 14.92
C SER F 113 4.47 10.82 16.37
N TYR F 114 5.33 11.80 16.64
CA TYR F 114 5.51 12.35 17.98
C TYR F 114 4.22 12.94 18.54
N ALA F 115 3.96 12.70 19.82
CA ALA F 115 2.76 13.26 20.45
C ALA F 115 3.13 14.07 21.67
N LYS F 116 2.57 15.28 21.77
CA LYS F 116 2.79 16.13 22.92
C LYS F 116 1.50 16.84 23.34
N ARG F 117 1.29 16.96 24.65
CA ARG F 117 0.16 17.66 25.23
C ARG F 117 0.63 18.53 26.38
N VAL F 118 -0.10 19.60 26.68
CA VAL F 118 0.12 20.34 27.91
C VAL F 118 -1.11 20.20 28.80
N VAL F 119 -0.93 19.69 30.01
CA VAL F 119 -2.04 19.51 30.93
C VAL F 119 -2.14 20.67 31.92
N PRO G 2 6.92 -5.26 22.23
CA PRO G 2 7.39 -3.87 22.31
C PRO G 2 7.74 -3.46 23.73
N HIS G 3 8.54 -2.41 23.86
CA HIS G 3 9.03 -1.95 25.15
C HIS G 3 8.65 -0.49 25.38
N LEU G 4 8.02 -0.23 26.51
CA LEU G 4 7.60 1.12 26.86
C LEU G 4 8.30 1.61 28.12
N VAL G 5 8.88 2.80 28.05
CA VAL G 5 9.47 3.43 29.23
C VAL G 5 8.75 4.73 29.51
N ILE G 6 8.23 4.87 30.73
CA ILE G 6 7.61 6.12 31.14
C ILE G 6 8.49 6.77 32.18
N GLU G 7 8.87 8.02 31.93
CA GLU G 7 9.67 8.79 32.87
C GLU G 7 8.85 9.95 33.43
N ALA G 8 8.83 10.08 34.75
CA ALA G 8 8.13 11.19 35.39
C ALA G 8 9.05 11.89 36.37
N THR G 9 9.09 13.22 36.32
CA THR G 9 9.82 13.98 37.33
C THR G 9 9.22 13.72 38.70
N ALA G 10 10.06 13.76 39.74
CA ALA G 10 9.63 13.39 41.08
C ALA G 10 8.55 14.33 41.62
N ASN G 11 8.51 15.56 41.13
CA ASN G 11 7.52 16.54 41.59
C ASN G 11 6.18 16.40 40.87
N LEU G 12 6.10 15.49 39.90
CA LEU G 12 4.85 15.26 39.18
C LEU G 12 3.84 14.51 40.04
N ARG G 13 2.62 15.03 40.13
CA ARG G 13 1.56 14.33 40.85
C ARG G 13 0.66 13.54 39.88
N LEU G 14 0.54 12.24 40.10
CA LEU G 14 -0.29 11.38 39.25
C LEU G 14 -1.62 11.05 39.91
N GLU G 15 -2.61 10.71 39.09
CA GLU G 15 -3.95 10.36 39.57
C GLU G 15 -3.99 8.93 40.13
N THR G 16 -2.99 8.14 39.78
CA THR G 16 -2.90 6.75 40.23
C THR G 16 -1.47 6.39 40.57
N SER G 17 -1.25 5.16 41.01
CA SER G 17 0.09 4.66 41.26
C SER G 17 0.81 4.42 39.93
N PRO G 18 2.15 4.39 39.95
CA PRO G 18 2.91 4.01 38.75
C PRO G 18 2.46 2.68 38.17
N GLY G 19 2.17 1.71 39.03
CA GLY G 19 1.72 0.39 38.61
C GLY G 19 0.43 0.41 37.81
N GLU G 20 -0.54 1.20 38.25
CA GLU G 20 -1.83 1.30 37.55
C GLU G 20 -1.69 2.05 36.23
N LEU G 21 -0.80 3.04 36.19
CA LEU G 21 -0.55 3.78 34.96
C LEU G 21 -0.01 2.84 33.88
N LEU G 22 0.92 1.96 34.27
CA LEU G 22 1.48 0.99 33.35
C LEU G 22 0.40 0.04 32.81
N GLU G 23 -0.49 -0.39 33.69
CA GLU G 23 -1.61 -1.25 33.28
C GLU G 23 -2.49 -0.54 32.26
N GLN G 24 -2.81 0.72 32.52
CA GLN G 24 -3.61 1.50 31.58
C GLN G 24 -2.90 1.67 30.24
N ALA G 25 -1.57 1.86 30.29
CA ALA G 25 -0.80 2.01 29.06
C ALA G 25 -0.78 0.72 28.26
N ASN G 26 -0.62 -0.41 28.95
CA ASN G 26 -0.61 -1.71 28.29
C ASN G 26 -1.95 -2.01 27.63
N LYS G 27 -3.04 -1.67 28.30
CA LYS G 27 -4.38 -1.87 27.74
C LYS G 27 -4.56 -1.05 26.47
N ALA G 28 -4.08 0.19 26.49
CA ALA G 28 -4.19 1.07 25.31
C ALA G 28 -3.37 0.50 24.17
N LEU G 29 -2.19 -0.03 24.48
CA LEU G 29 -1.33 -0.64 23.47
C LEU G 29 -1.96 -1.90 22.89
N PHE G 30 -2.59 -2.71 23.73
CA PHE G 30 -3.24 -3.92 23.25
C PHE G 30 -4.42 -3.59 22.33
N ALA G 31 -5.13 -2.51 22.64
CA ALA G 31 -6.30 -2.12 21.87
C ALA G 31 -5.94 -1.68 20.46
N SER G 32 -4.65 -1.49 20.19
CA SER G 32 -4.20 -1.21 18.83
C SER G 32 -4.37 -2.43 17.93
N GLY G 33 -4.37 -3.62 18.53
CA GLY G 33 -4.49 -4.86 17.78
C GLY G 33 -3.20 -5.27 17.10
N GLN G 34 -2.10 -4.57 17.41
CA GLN G 34 -0.83 -4.83 16.74
C GLN G 34 0.04 -5.86 17.47
N PHE G 35 -0.24 -6.09 18.74
CA PHE G 35 0.65 -6.92 19.57
C PHE G 35 -0.08 -8.05 20.30
N GLY G 36 0.63 -9.15 20.50
CA GLY G 36 0.15 -10.20 21.38
C GLY G 36 0.28 -9.68 22.80
N GLU G 37 -0.64 -10.08 23.66
CA GLU G 37 -0.72 -9.57 25.03
C GLU G 37 0.61 -9.68 25.78
N ALA G 38 1.20 -10.87 25.81
CA ALA G 38 2.41 -11.11 26.60
C ALA G 38 3.65 -10.37 26.09
N ASP G 39 3.59 -9.82 24.88
CA ASP G 39 4.75 -9.17 24.27
C ASP G 39 4.90 -7.72 24.71
N ILE G 40 3.87 -7.16 25.34
CA ILE G 40 3.88 -5.76 25.73
C ILE G 40 4.57 -5.57 27.09
N LYS G 41 5.76 -4.98 27.07
CA LYS G 41 6.55 -4.83 28.29
C LYS G 41 6.79 -3.37 28.60
N SER G 42 6.32 -2.92 29.76
CA SER G 42 6.41 -1.52 30.14
CA SER G 42 6.43 -1.52 30.12
C SER G 42 7.08 -1.34 31.48
N ARG G 43 7.76 -0.22 31.65
CA ARG G 43 8.45 0.11 32.90
C ARG G 43 8.27 1.59 33.19
N PHE G 44 8.32 1.93 34.47
CA PHE G 44 8.13 3.29 34.94
C PHE G 44 9.36 3.75 35.71
N VAL G 45 9.84 4.95 35.42
CA VAL G 45 10.98 5.52 36.12
C VAL G 45 10.64 6.88 36.73
N THR G 46 10.97 7.06 37.99
CA THR G 46 10.86 8.37 38.63
C THR G 46 12.20 9.10 38.55
N LEU G 47 12.20 10.30 37.99
CA LEU G 47 13.43 11.09 37.87
C LEU G 47 13.64 11.93 39.13
N GLU G 48 14.79 11.73 39.80
CA GLU G 48 15.08 12.48 41.01
C GLU G 48 15.97 13.70 40.76
N ALA G 49 16.73 13.66 39.66
CA ALA G 49 17.61 14.78 39.30
C ALA G 49 17.27 15.27 37.90
N TYR G 50 16.59 16.41 37.81
CA TYR G 50 16.08 16.91 36.53
C TYR G 50 16.07 18.44 36.50
N ARG G 51 16.13 18.99 35.30
CA ARG G 51 15.98 20.43 35.06
C ARG G 51 15.22 20.66 33.76
N GLN G 52 14.23 21.54 33.80
CA GLN G 52 13.53 21.92 32.59
C GLN G 52 13.77 23.40 32.30
N GLY G 53 14.46 23.65 31.19
CA GLY G 53 14.73 25.01 30.76
C GLY G 53 15.80 25.70 31.59
N THR G 54 15.73 27.02 31.61
CA THR G 54 16.71 27.84 32.32
C THR G 54 16.06 28.72 33.39
N ALA G 55 14.73 28.82 33.35
CA ALA G 55 14.01 29.71 34.26
C ALA G 55 13.85 29.08 35.65
N ALA G 56 13.56 29.92 36.64
CA ALA G 56 13.47 29.48 38.03
C ALA G 56 12.12 28.86 38.37
N VAL G 57 11.17 28.95 37.44
CA VAL G 57 9.82 28.42 37.66
C VAL G 57 9.87 26.91 37.89
N GLU G 58 9.06 26.41 38.82
CA GLU G 58 8.99 24.98 39.11
CA GLU G 58 9.02 24.99 39.09
C GLU G 58 8.15 24.26 38.07
N ARG G 59 8.75 23.28 37.39
CA ARG G 59 8.06 22.56 36.34
C ARG G 59 8.09 21.05 36.53
N ALA G 60 7.03 20.39 36.10
CA ALA G 60 6.98 18.93 36.08
C ALA G 60 6.75 18.47 34.65
N TYR G 61 7.34 17.34 34.27
CA TYR G 61 7.07 16.80 32.95
C TYR G 61 7.00 15.27 32.97
N LEU G 62 6.34 14.73 31.97
CA LEU G 62 6.10 13.30 31.84
C LEU G 62 6.39 12.88 30.41
N HIS G 63 7.26 11.90 30.25
CA HIS G 63 7.68 11.51 28.91
C HIS G 63 7.67 10.00 28.75
N ALA G 64 7.23 9.53 27.59
CA ALA G 64 7.29 8.11 27.29
C ALA G 64 7.99 7.84 25.98
N CYS G 65 8.68 6.70 25.93
CA CYS G 65 9.30 6.23 24.72
C CYS G 65 8.84 4.82 24.42
N LEU G 66 8.11 4.65 23.33
CA LEU G 66 7.66 3.33 22.93
C LEU G 66 8.56 2.79 21.83
N SER G 67 9.20 1.65 22.10
CA SER G 67 10.04 0.99 21.11
C SER G 67 9.33 -0.21 20.51
N ILE G 68 9.21 -0.23 19.18
CA ILE G 68 8.61 -1.36 18.48
C ILE G 68 9.51 -1.85 17.36
N LEU G 69 9.36 -3.11 16.99
CA LEU G 69 10.06 -3.65 15.83
C LEU G 69 9.58 -2.93 14.58
N ASP G 70 10.50 -2.63 13.67
CA ASP G 70 10.16 -1.87 12.48
C ASP G 70 9.26 -2.69 11.55
N GLY G 71 8.56 -2.01 10.66
CA GLY G 71 7.71 -2.66 9.68
C GLY G 71 6.31 -2.06 9.60
N ARG G 72 5.87 -1.40 10.66
CA ARG G 72 4.52 -0.82 10.69
CA ARG G 72 4.53 -0.83 10.69
C ARG G 72 4.53 0.57 10.04
N ASP G 73 3.40 0.96 9.46
CA ASP G 73 3.33 2.23 8.74
C ASP G 73 3.19 3.43 9.68
N ILE G 74 3.28 4.63 9.12
CA ILE G 74 3.25 5.86 9.91
C ILE G 74 1.89 6.07 10.61
N ALA G 75 0.82 5.57 10.01
CA ALA G 75 -0.50 5.65 10.64
C ALA G 75 -0.52 4.89 11.97
N THR G 76 0.08 3.71 11.97
CA THR G 76 0.12 2.90 13.18
C THR G 76 1.03 3.52 14.23
N ARG G 77 2.21 3.99 13.81
CA ARG G 77 3.15 4.61 14.75
C ARG G 77 2.53 5.85 15.40
N THR G 78 1.86 6.66 14.59
CA THR G 78 1.20 7.85 15.10
C THR G 78 0.04 7.51 16.05
N LEU G 79 -0.76 6.51 15.69
CA LEU G 79 -1.87 6.10 16.55
C LEU G 79 -1.39 5.56 17.90
N LEU G 80 -0.26 4.85 17.90
CA LEU G 80 0.30 4.34 19.15
C LEU G 80 0.74 5.49 20.05
N GLY G 81 1.44 6.45 19.48
CA GLY G 81 1.88 7.61 20.22
C GLY G 81 0.71 8.38 20.81
N ALA G 82 -0.28 8.66 19.97
CA ALA G 82 -1.45 9.45 20.38
C ALA G 82 -2.25 8.73 21.47
N SER G 83 -2.37 7.41 21.33
CA SER G 83 -3.05 6.58 22.30
C SER G 83 -2.36 6.63 23.66
N LEU G 84 -1.04 6.51 23.65
CA LEU G 84 -0.27 6.58 24.88
C LEU G 84 -0.31 7.97 25.49
N CYS G 85 -0.27 8.98 24.63
CA CYS G 85 -0.31 10.37 25.11
C CYS G 85 -1.61 10.67 25.83
N ALA G 86 -2.71 10.14 25.32
CA ALA G 86 -4.02 10.36 25.94
C ALA G 86 -4.05 9.75 27.34
N VAL G 87 -3.51 8.54 27.47
CA VAL G 87 -3.48 7.83 28.74
C VAL G 87 -2.58 8.56 29.75
N LEU G 88 -1.42 9.00 29.30
CA LEU G 88 -0.49 9.71 30.17
CA LEU G 88 -0.49 9.71 30.17
C LEU G 88 -1.05 11.05 30.63
N ALA G 89 -1.60 11.82 29.69
CA ALA G 89 -2.14 13.13 30.00
C ALA G 89 -3.25 13.04 31.03
N GLU G 90 -4.16 12.08 30.84
CA GLU G 90 -5.29 11.92 31.75
C GLU G 90 -4.84 11.49 33.15
N ALA G 91 -3.65 10.91 33.25
CA ALA G 91 -3.14 10.43 34.54
C ALA G 91 -2.45 11.53 35.34
N VAL G 92 -2.24 12.69 34.72
CA VAL G 92 -1.59 13.81 35.38
C VAL G 92 -2.55 14.61 36.26
N ALA G 93 -2.23 14.72 37.55
CA ALA G 93 -3.07 15.50 38.46
C ALA G 93 -2.51 16.92 38.60
N GLY G 94 -1.19 17.04 38.52
CA GLY G 94 -0.52 18.33 38.68
C GLY G 94 0.96 18.19 38.95
N GLY G 95 1.56 19.24 39.48
CA GLY G 95 2.99 19.28 39.72
C GLY G 95 3.59 20.54 39.14
N GLY G 96 4.51 21.15 39.88
CA GLY G 96 5.11 22.40 39.45
C GLY G 96 4.15 23.56 39.59
N GLU G 97 4.52 24.72 39.05
CA GLU G 97 3.72 25.93 39.22
C GLU G 97 3.00 26.32 37.93
N GLU G 98 3.11 25.49 36.91
CA GLU G 98 2.39 25.74 35.66
C GLU G 98 1.98 24.44 34.98
N GLY G 99 1.68 24.52 33.68
CA GLY G 99 1.23 23.36 32.94
C GLY G 99 2.27 22.26 32.89
N VAL G 100 1.81 21.03 32.76
CA VAL G 100 2.70 19.88 32.67
C VAL G 100 2.83 19.42 31.23
N GLN G 101 4.06 19.42 30.71
CA GLN G 101 4.30 18.92 29.36
C GLN G 101 4.32 17.39 29.35
N VAL G 102 3.42 16.82 28.57
CA VAL G 102 3.39 15.38 28.36
C VAL G 102 3.77 15.07 26.92
N SER G 103 4.72 14.16 26.73
CA SER G 103 5.20 13.83 25.39
C SER G 103 5.48 12.35 25.23
N VAL G 104 5.25 11.84 24.01
CA VAL G 104 5.47 10.44 23.69
C VAL G 104 6.23 10.30 22.38
N GLU G 105 7.32 9.54 22.42
CA GLU G 105 8.06 9.19 21.21
C GLU G 105 7.77 7.74 20.85
N VAL G 106 7.64 7.49 19.54
CA VAL G 106 7.62 6.12 19.03
C VAL G 106 8.87 5.90 18.20
N ARG G 107 9.70 4.93 18.59
CA ARG G 107 10.90 4.64 17.83
C ARG G 107 10.87 3.19 17.35
N GLU G 108 11.70 2.90 16.35
CA GLU G 108 11.71 1.58 15.74
C GLU G 108 13.03 0.84 15.97
N MET G 109 12.91 -0.38 16.48
CA MET G 109 14.08 -1.24 16.64
C MET G 109 14.30 -2.00 15.35
N GLU G 110 15.56 -2.23 15.00
CA GLU G 110 15.86 -2.94 13.76
C GLU G 110 15.45 -4.40 13.88
N ARG G 111 14.51 -4.82 13.03
CA ARG G 111 13.97 -6.17 13.12
C ARG G 111 15.01 -7.22 12.71
N LEU G 112 15.75 -6.93 11.64
CA LEU G 112 16.72 -7.89 11.09
C LEU G 112 17.77 -8.37 12.10
N SER G 113 18.24 -7.45 12.95
CA SER G 113 19.30 -7.78 13.88
C SER G 113 18.78 -8.11 15.28
N TYR G 114 17.47 -7.99 15.49
CA TYR G 114 16.86 -8.25 16.78
C TYR G 114 17.01 -9.71 17.20
N ALA G 115 17.33 -9.92 18.48
CA ALA G 115 17.49 -11.27 19.00
C ALA G 115 16.53 -11.48 20.16
N LYS G 116 15.79 -12.58 20.14
CA LYS G 116 14.89 -12.90 21.24
C LYS G 116 14.83 -14.41 21.49
N ARG G 117 14.83 -14.78 22.77
CA ARG G 117 14.72 -16.16 23.20
C ARG G 117 13.80 -16.27 24.41
N VAL G 118 13.14 -17.41 24.55
CA VAL G 118 12.37 -17.70 25.74
C VAL G 118 13.08 -18.78 26.54
N VAL G 119 13.37 -18.49 27.80
CA VAL G 119 14.09 -19.41 28.66
C VAL G 119 13.15 -20.06 29.68
N PRO H 2 6.56 -32.37 -18.00
CA PRO H 2 6.99 -32.06 -19.38
C PRO H 2 6.35 -32.96 -20.42
N HIS H 3 6.19 -32.44 -21.63
CA HIS H 3 5.57 -33.18 -22.73
C HIS H 3 6.49 -33.21 -23.93
N LEU H 4 6.83 -34.41 -24.37
CA LEU H 4 7.70 -34.59 -25.52
C LEU H 4 6.94 -35.18 -26.71
N VAL H 5 7.03 -34.52 -27.86
CA VAL H 5 6.46 -35.04 -29.10
C VAL H 5 7.58 -35.34 -30.09
N ILE H 6 7.65 -36.58 -30.55
CA ILE H 6 8.65 -36.97 -31.55
C ILE H 6 7.94 -37.27 -32.88
N GLU H 7 8.35 -36.57 -33.93
CA GLU H 7 7.75 -36.75 -35.25
C GLU H 7 8.77 -37.36 -36.22
N ALA H 8 8.37 -38.43 -36.87
CA ALA H 8 9.24 -39.12 -37.83
C ALA H 8 8.52 -39.34 -39.16
N THR H 9 9.18 -38.99 -40.26
CA THR H 9 8.64 -39.30 -41.59
C THR H 9 8.53 -40.81 -41.75
N ALA H 10 7.57 -41.27 -42.54
CA ALA H 10 7.28 -42.69 -42.68
C ALA H 10 8.46 -43.48 -43.26
N ASN H 11 9.29 -42.82 -44.06
CA ASN H 11 10.43 -43.50 -44.70
C ASN H 11 11.67 -43.53 -43.81
N LEU H 12 11.57 -42.98 -42.61
CA LEU H 12 12.69 -43.01 -41.67
C LEU H 12 12.85 -44.39 -41.05
N ARG H 13 14.07 -44.91 -41.06
CA ARG H 13 14.36 -46.20 -40.44
C ARG H 13 15.03 -45.98 -39.08
N LEU H 14 14.42 -46.52 -38.03
CA LEU H 14 14.94 -46.39 -36.67
C LEU H 14 15.74 -47.62 -36.26
N GLU H 15 16.68 -47.45 -35.33
CA GLU H 15 17.47 -48.56 -34.81
C GLU H 15 16.62 -49.50 -33.97
N THR H 16 15.64 -48.93 -33.29
CA THR H 16 14.71 -49.69 -32.44
C THR H 16 13.28 -49.31 -32.80
N SER H 17 12.32 -49.92 -32.11
CA SER H 17 10.92 -49.55 -32.25
C SER H 17 10.70 -48.14 -31.69
N PRO H 18 9.61 -47.48 -32.11
CA PRO H 18 9.25 -46.17 -31.54
C PRO H 18 9.12 -46.21 -30.01
N GLY H 19 8.56 -47.30 -29.49
CA GLY H 19 8.40 -47.48 -28.06
C GLY H 19 9.73 -47.45 -27.32
N GLU H 20 10.71 -48.19 -27.83
CA GLU H 20 12.05 -48.18 -27.24
C GLU H 20 12.67 -46.79 -27.31
N LEU H 21 12.47 -46.10 -28.42
CA LEU H 21 12.97 -44.73 -28.57
C LEU H 21 12.40 -43.81 -27.50
N LEU H 22 11.09 -43.92 -27.27
CA LEU H 22 10.42 -43.13 -26.25
C LEU H 22 10.98 -43.41 -24.85
N GLU H 23 11.32 -44.67 -24.59
CA GLU H 23 11.89 -45.03 -23.30
C GLU H 23 13.26 -44.40 -23.10
N GLN H 24 14.09 -44.43 -24.15
CA GLN H 24 15.40 -43.80 -24.11
C GLN H 24 15.28 -42.30 -23.90
N ALA H 25 14.29 -41.69 -24.54
CA ALA H 25 14.10 -40.25 -24.43
C ALA H 25 13.73 -39.89 -22.99
N ASN H 26 12.81 -40.64 -22.40
CA ASN H 26 12.40 -40.38 -21.02
C ASN H 26 13.54 -40.59 -20.02
N LYS H 27 14.37 -41.60 -20.28
CA LYS H 27 15.54 -41.85 -19.42
C LYS H 27 16.53 -40.70 -19.48
N ALA H 28 16.78 -40.19 -20.69
CA ALA H 28 17.66 -39.04 -20.87
C ALA H 28 17.09 -37.81 -20.17
N LEU H 29 15.77 -37.64 -20.24
CA LEU H 29 15.11 -36.51 -19.62
C LEU H 29 15.20 -36.60 -18.10
N PHE H 30 15.05 -37.82 -17.57
CA PHE H 30 15.13 -38.01 -16.13
C PHE H 30 16.56 -37.76 -15.65
N ALA H 31 17.53 -38.04 -16.51
CA ALA H 31 18.93 -37.89 -16.12
C ALA H 31 19.34 -36.42 -16.03
N SER H 32 18.48 -35.53 -16.51
CA SER H 32 18.72 -34.10 -16.37
C SER H 32 18.55 -33.69 -14.91
N GLY H 33 17.73 -34.44 -14.18
CA GLY H 33 17.47 -34.18 -12.77
C GLY H 33 16.48 -33.04 -12.57
N GLN H 34 15.78 -32.66 -13.63
CA GLN H 34 14.88 -31.51 -13.59
C GLN H 34 13.44 -31.89 -13.29
N PHE H 35 13.10 -33.15 -13.49
CA PHE H 35 11.71 -33.58 -13.45
C PHE H 35 11.47 -34.79 -12.56
N GLY H 36 10.27 -34.88 -12.01
CA GLY H 36 9.81 -36.09 -11.35
C GLY H 36 9.50 -37.12 -12.42
N GLU H 37 9.88 -38.37 -12.15
CA GLU H 37 9.74 -39.46 -13.12
C GLU H 37 8.33 -39.56 -13.71
N ALA H 38 7.32 -39.52 -12.85
CA ALA H 38 5.94 -39.65 -13.30
C ALA H 38 5.47 -38.47 -14.17
N ASP H 39 6.21 -37.37 -14.15
CA ASP H 39 5.79 -36.16 -14.87
C ASP H 39 6.19 -36.17 -16.34
N ILE H 40 7.17 -36.99 -16.68
CA ILE H 40 7.70 -37.03 -18.04
C ILE H 40 6.79 -37.81 -18.98
N LYS H 41 6.13 -37.11 -19.90
CA LYS H 41 5.21 -37.74 -20.83
C LYS H 41 5.65 -37.56 -22.29
N SER H 42 5.87 -38.67 -22.98
CA SER H 42 6.32 -38.62 -24.36
CA SER H 42 6.32 -38.61 -24.36
C SER H 42 5.38 -39.35 -25.30
N ARG H 43 5.33 -38.91 -26.56
CA ARG H 43 4.53 -39.57 -27.58
C ARG H 43 5.26 -39.55 -28.92
N PHE H 44 4.98 -40.56 -29.73
CA PHE H 44 5.63 -40.71 -31.04
C PHE H 44 4.58 -40.65 -32.13
N VAL H 45 4.88 -39.94 -33.21
CA VAL H 45 3.95 -39.90 -34.33
CA VAL H 45 3.96 -39.80 -34.34
C VAL H 45 4.68 -40.07 -35.66
N THR H 46 4.08 -40.88 -36.52
CA THR H 46 4.62 -41.12 -37.84
C THR H 46 3.89 -40.23 -38.84
N LEU H 47 4.66 -39.41 -39.55
CA LEU H 47 4.09 -38.53 -40.58
C LEU H 47 3.88 -39.31 -41.88
N GLU H 48 2.63 -39.43 -42.31
CA GLU H 48 2.30 -40.16 -43.53
C GLU H 48 2.24 -39.24 -44.75
N ALA H 49 1.98 -37.96 -44.53
CA ALA H 49 1.97 -36.97 -45.60
C ALA H 49 2.96 -35.84 -45.30
N TYR H 50 4.06 -35.81 -46.04
CA TYR H 50 5.15 -34.89 -45.75
C TYR H 50 5.91 -34.49 -47.01
N ARG H 51 6.45 -33.27 -47.00
CA ARG H 51 7.34 -32.82 -48.07
C ARG H 51 8.49 -32.07 -47.44
N GLN H 52 9.70 -32.36 -47.93
CA GLN H 52 10.87 -31.62 -47.51
C GLN H 52 11.46 -30.92 -48.72
N GLY H 53 11.55 -29.59 -48.63
CA GLY H 53 12.07 -28.81 -49.74
C GLY H 53 11.16 -28.84 -50.94
N THR H 54 11.73 -28.62 -52.12
CA THR H 54 10.93 -28.51 -53.33
C THR H 54 11.30 -29.56 -54.38
N ALA H 55 12.51 -30.09 -54.30
CA ALA H 55 13.00 -31.04 -55.31
C ALA H 55 12.34 -32.41 -55.17
N VAL H 57 13.38 -35.51 -54.55
CA VAL H 57 14.42 -36.29 -53.88
C VAL H 57 13.85 -36.98 -52.64
N GLU H 58 14.21 -38.25 -52.46
CA GLU H 58 13.81 -39.02 -51.28
C GLU H 58 14.51 -38.50 -50.03
N ARG H 59 13.73 -37.93 -49.11
CA ARG H 59 14.27 -37.36 -47.88
C ARG H 59 13.50 -37.83 -46.66
N ALA H 60 14.25 -38.15 -45.60
CA ALA H 60 13.65 -38.47 -44.30
C ALA H 60 14.11 -37.48 -43.25
N TYR H 61 13.23 -37.17 -42.29
CA TYR H 61 13.67 -36.35 -41.16
C TYR H 61 13.00 -36.77 -39.84
N LEU H 62 13.54 -36.25 -38.75
CA LEU H 62 13.15 -36.63 -37.40
C LEU H 62 13.18 -35.36 -36.55
N HIS H 63 12.03 -35.02 -35.96
CA HIS H 63 11.91 -33.78 -35.21
C HIS H 63 11.26 -34.03 -33.85
N ALA H 64 11.79 -33.37 -32.82
CA ALA H 64 11.19 -33.45 -31.49
C ALA H 64 10.89 -32.06 -30.98
N CYS H 65 9.83 -31.96 -30.19
CA CYS H 65 9.52 -30.72 -29.51
C CYS H 65 9.28 -31.04 -28.03
N LEU H 66 10.14 -30.53 -27.17
CA LEU H 66 9.98 -30.71 -25.74
C LEU H 66 9.34 -29.48 -25.12
N SER H 67 8.21 -29.67 -24.43
CA SER H 67 7.52 -28.59 -23.76
C SER H 67 7.67 -28.71 -22.26
N ILE H 68 8.24 -27.67 -21.64
CA ILE H 68 8.44 -27.65 -20.19
C ILE H 68 7.84 -26.39 -19.59
N LEU H 69 7.44 -26.46 -18.32
CA LEU H 69 6.98 -25.26 -17.61
C LEU H 69 8.12 -24.27 -17.48
N ASP H 70 7.83 -22.99 -17.65
CA ASP H 70 8.88 -21.97 -17.65
C ASP H 70 9.55 -21.82 -16.28
N GLY H 71 10.68 -21.13 -16.26
CA GLY H 71 11.36 -20.87 -15.00
C GLY H 71 12.80 -21.35 -14.98
N ARG H 72 13.11 -22.28 -15.88
CA ARG H 72 14.47 -22.81 -15.99
CA ARG H 72 14.47 -22.80 -15.98
C ARG H 72 15.33 -21.96 -16.91
N ASP H 73 16.63 -21.86 -16.61
CA ASP H 73 17.53 -21.00 -17.37
C ASP H 73 17.94 -21.60 -18.71
N ILE H 74 18.67 -20.82 -19.50
CA ILE H 74 18.99 -21.20 -20.88
C ILE H 74 19.95 -22.39 -20.92
N ALA H 75 20.80 -22.52 -19.90
CA ALA H 75 21.70 -23.67 -19.81
C ALA H 75 20.90 -24.96 -19.72
N THR H 76 19.86 -24.95 -18.91
CA THR H 76 19.04 -26.14 -18.71
C THR H 76 18.26 -26.47 -19.98
N ARG H 77 17.68 -25.46 -20.60
CA ARG H 77 16.91 -25.66 -21.84
C ARG H 77 17.80 -26.18 -22.96
N THR H 78 19.00 -25.61 -23.08
CA THR H 78 19.94 -26.05 -24.11
C THR H 78 20.40 -27.48 -23.84
N LEU H 79 20.64 -27.80 -22.57
CA LEU H 79 21.09 -29.15 -22.21
C LEU H 79 19.99 -30.19 -22.51
N LEU H 80 18.75 -29.87 -22.15
CA LEU H 80 17.62 -30.74 -22.46
C LEU H 80 17.52 -31.02 -23.96
N GLY H 81 17.64 -29.97 -24.76
CA GLY H 81 17.60 -30.10 -26.20
C GLY H 81 18.74 -30.95 -26.74
N ALA H 82 19.94 -30.70 -26.23
CA ALA H 82 21.12 -31.42 -26.71
C ALA H 82 21.09 -32.88 -26.28
N SER H 83 20.49 -33.13 -25.12
CA SER H 83 20.38 -34.49 -24.60
CA SER H 83 20.39 -34.48 -24.60
C SER H 83 19.46 -35.32 -25.48
N LEU H 84 18.32 -34.75 -25.84
CA LEU H 84 17.36 -35.42 -26.71
C LEU H 84 17.90 -35.59 -28.12
N CYS H 85 18.66 -34.60 -28.59
CA CYS H 85 19.18 -34.66 -29.95
C CYS H 85 20.16 -35.80 -30.12
N ALA H 86 20.94 -36.06 -29.06
CA ALA H 86 21.88 -37.17 -29.06
C ALA H 86 21.14 -38.51 -29.11
N VAL H 87 20.06 -38.61 -28.34
CA VAL H 87 19.25 -39.82 -28.33
C VAL H 87 18.63 -40.07 -29.71
N LEU H 88 18.02 -39.03 -30.27
CA LEU H 88 17.39 -39.11 -31.58
C LEU H 88 18.39 -39.42 -32.69
N ALA H 89 19.55 -38.75 -32.66
CA ALA H 89 20.55 -38.94 -33.69
C ALA H 89 21.04 -40.39 -33.68
N GLU H 90 21.31 -40.90 -32.48
CA GLU H 90 21.81 -42.26 -32.34
C GLU H 90 20.75 -43.29 -32.70
N ALA H 91 19.49 -42.86 -32.75
CA ALA H 91 18.40 -43.79 -33.04
C ALA H 91 18.14 -43.96 -34.54
N VAL H 92 18.79 -43.14 -35.36
CA VAL H 92 18.57 -43.18 -36.81
C VAL H 92 19.45 -44.21 -37.50
N ALA H 93 18.80 -45.14 -38.21
CA ALA H 93 19.54 -46.17 -38.96
C ALA H 93 19.67 -45.77 -40.43
N GLY H 94 18.86 -44.81 -40.87
CA GLY H 94 18.87 -44.38 -42.26
C GLY H 94 17.49 -43.94 -42.73
N GLY H 95 17.32 -43.86 -44.05
CA GLY H 95 16.07 -43.41 -44.62
C GLY H 95 16.29 -42.35 -45.69
N GLY H 96 15.61 -42.49 -46.82
CA GLY H 96 15.78 -41.57 -47.93
C GLY H 96 17.06 -41.82 -48.70
N GLU H 97 17.37 -40.94 -49.65
CA GLU H 97 18.54 -41.10 -50.49
C GLU H 97 19.64 -40.12 -50.09
N GLU H 98 19.56 -39.60 -48.87
CA GLU H 98 20.53 -38.63 -48.38
C GLU H 98 20.60 -38.65 -46.87
N GLY H 99 21.31 -37.67 -46.30
CA GLY H 99 21.42 -37.54 -44.87
C GLY H 99 20.07 -37.27 -44.22
N VAL H 100 19.95 -37.66 -42.95
CA VAL H 100 18.73 -37.45 -42.19
C VAL H 100 18.87 -36.28 -41.22
N GLN H 101 18.05 -35.26 -41.40
CA GLN H 101 18.07 -34.11 -40.50
C GLN H 101 17.33 -34.42 -39.21
N VAL H 102 18.03 -34.27 -38.09
CA VAL H 102 17.46 -34.44 -36.78
C VAL H 102 17.47 -33.11 -36.04
N SER H 103 16.32 -32.73 -35.48
CA SER H 103 16.24 -31.46 -34.78
C SER H 103 15.33 -31.54 -33.56
N VAL H 104 15.63 -30.73 -32.56
CA VAL H 104 14.89 -30.72 -31.31
C VAL H 104 14.61 -29.29 -30.90
N GLU H 105 13.34 -28.97 -30.68
CA GLU H 105 12.95 -27.69 -30.12
C GLU H 105 12.64 -27.86 -28.63
N VAL H 106 13.09 -26.90 -27.82
CA VAL H 106 12.64 -26.80 -26.45
C VAL H 106 11.79 -25.54 -26.33
N ARG H 107 10.55 -25.69 -25.88
CA ARG H 107 9.67 -24.54 -25.71
C ARG H 107 9.15 -24.49 -24.27
N GLU H 108 8.64 -23.33 -23.87
CA GLU H 108 8.18 -23.14 -22.51
C GLU H 108 6.68 -22.92 -22.43
N MET H 109 6.04 -23.65 -21.53
CA MET H 109 4.64 -23.46 -21.24
C MET H 109 4.51 -22.44 -20.11
N GLU H 110 3.55 -21.52 -20.23
CA GLU H 110 3.34 -20.54 -19.19
C GLU H 110 2.89 -21.19 -17.89
N ARG H 111 3.70 -21.05 -16.85
CA ARG H 111 3.44 -21.70 -15.58
C ARG H 111 2.25 -21.09 -14.82
N LEU H 112 2.12 -19.77 -14.87
CA LEU H 112 1.07 -19.09 -14.11
C LEU H 112 -0.33 -19.54 -14.49
N SER H 113 -0.54 -19.81 -15.78
CA SER H 113 -1.88 -20.14 -16.26
C SER H 113 -2.10 -21.65 -16.40
N TYR H 114 -1.05 -22.42 -16.16
CA TYR H 114 -1.10 -23.88 -16.33
C TYR H 114 -2.05 -24.55 -15.33
N ALA H 115 -2.80 -25.53 -15.81
CA ALA H 115 -3.73 -26.23 -14.94
C ALA H 115 -3.44 -27.73 -14.92
N LYS H 116 -3.48 -28.34 -13.75
CA LYS H 116 -3.35 -29.79 -13.70
C LYS H 116 -4.05 -30.38 -12.49
N ARG H 117 -4.63 -31.56 -12.69
CA ARG H 117 -5.32 -32.28 -11.64
C ARG H 117 -5.12 -33.78 -11.85
N VAL H 118 -5.22 -34.55 -10.77
CA VAL H 118 -5.12 -36.00 -10.86
C VAL H 118 -6.48 -36.63 -10.54
N VAL H 119 -7.00 -37.43 -11.46
CA VAL H 119 -8.30 -38.07 -11.24
C VAL H 119 -8.12 -39.48 -10.68
S SO4 I . 23.86 -2.78 5.98
O1 SO4 I . 24.50 -1.74 6.79
O2 SO4 I . 24.72 -3.96 5.94
O3 SO4 I . 22.57 -3.14 6.57
O4 SO4 I . 23.65 -2.31 4.62
S SO4 J . 22.74 -12.28 -15.05
O1 SO4 J . 23.90 -11.65 -14.42
O2 SO4 J . 22.98 -13.71 -15.21
O3 SO4 J . 21.57 -12.08 -14.20
O4 SO4 J . 22.53 -11.67 -16.36
S SO4 K . 31.24 -29.15 21.12
O1 SO4 K . 32.06 -28.66 22.23
O2 SO4 K . 31.00 -30.58 21.27
O3 SO4 K . 29.96 -28.44 21.11
O4 SO4 K . 31.93 -28.90 19.86
S SO4 L . 32.88 -13.79 -7.75
O1 SO4 L . 32.64 -14.10 -6.35
O2 SO4 L . 32.62 -14.97 -8.56
O3 SO4 L . 32.01 -12.69 -8.17
O4 SO4 L . 34.27 -13.38 -7.92
S SO4 M . 48.43 -34.22 -0.10
O1 SO4 M . 49.38 -33.80 0.93
O2 SO4 M . 49.16 -34.70 -1.26
O3 SO4 M . 47.59 -35.28 0.42
O4 SO4 M . 47.61 -33.07 -0.48
S SO4 N . -8.95 3.14 -6.56
O1 SO4 N . -8.96 3.35 -5.11
O2 SO4 N . -9.41 1.79 -6.86
O3 SO4 N . -9.84 4.10 -7.20
O4 SO4 N . -7.59 3.31 -7.07
S SO4 O . -0.65 -3.18 -13.67
O1 SO4 O . 0.68 -3.77 -13.49
O2 SO4 O . -1.64 -4.25 -13.54
O3 SO4 O . -0.88 -2.18 -12.63
O4 SO4 O . -0.75 -2.55 -14.98
S SO4 P . -31.59 -12.15 6.30
O1 SO4 P . -30.48 -12.46 7.20
O2 SO4 P . -31.45 -12.91 5.06
O3 SO4 P . -32.85 -12.51 6.95
O4 SO4 P . -31.60 -10.73 5.99
S SO4 Q . -36.00 16.94 -19.00
O1 SO4 Q . -35.54 16.01 -17.97
O2 SO4 Q . -35.33 16.65 -20.25
O3 SO4 Q . -37.45 16.78 -19.16
O4 SO4 Q . -35.71 18.31 -18.58
S SO4 R . -2.97 11.71 -13.76
O1 SO4 R . -2.39 12.44 -12.65
O2 SO4 R . -3.26 10.33 -13.35
O3 SO4 R . -4.21 12.36 -14.19
O4 SO4 R . -2.03 11.68 -14.89
S SO4 S . -39.09 0.96 -8.79
O1 SO4 S . -38.65 0.86 -7.39
O2 SO4 S . -38.33 0.04 -9.62
O3 SO4 S . -40.51 0.63 -8.88
O4 SO4 S . -38.87 2.33 -9.26
S SO4 T . 2.51 4.88 -1.21
O1 SO4 T . 1.80 4.65 0.06
O2 SO4 T . 2.96 3.59 -1.74
O3 SO4 T . 1.60 5.49 -2.16
O4 SO4 T . 3.64 5.76 -0.97
S SO4 U . -33.36 8.40 10.38
O1 SO4 U . -31.97 8.44 10.78
O2 SO4 U . -33.56 7.30 9.44
O3 SO4 U . -34.20 8.18 11.56
O4 SO4 U . -33.72 9.67 9.76
S SO4 V . -33.78 -0.63 2.37
O1 SO4 V . -33.98 -1.77 3.27
O2 SO4 V . -32.81 -0.99 1.35
O3 SO4 V . -35.05 -0.27 1.75
O4 SO4 V . -33.27 0.49 3.16
S SO4 W . -4.70 19.09 -17.18
O1 SO4 W . -3.56 18.32 -16.69
O2 SO4 W . -4.71 19.08 -18.65
O3 SO4 W . -5.95 18.51 -16.71
O4 SO4 W . -4.58 20.47 -16.73
S SO4 X . -9.62 32.16 -9.65
O1 SO4 X . -8.90 32.96 -8.68
O2 SO4 X . -8.87 30.93 -9.90
O3 SO4 X . -10.95 31.81 -9.12
O4 SO4 X . -9.79 32.90 -10.90
S SO4 Y . -2.00 32.18 -25.00
O1 SO4 Y . -1.77 33.34 -24.15
O2 SO4 Y . -1.16 31.08 -24.56
O3 SO4 Y . -3.41 31.79 -24.92
O4 SO4 Y . -1.67 32.52 -26.38
S SO4 Z . -10.02 37.92 -12.36
O1 SO4 Z . -8.80 38.10 -11.56
O2 SO4 Z . -9.98 36.59 -12.98
O3 SO4 Z . -11.18 38.03 -11.50
O4 SO4 Z . -10.07 38.94 -13.40
S SO4 AA . 17.13 5.43 17.23
O1 SO4 AA . 17.97 6.47 17.82
O2 SO4 AA . 17.66 4.11 17.58
O3 SO4 AA . 15.78 5.55 17.75
O4 SO4 AA . 17.12 5.56 15.77
S SO4 BA . 11.34 21.47 17.96
O1 SO4 BA . 12.03 20.57 18.86
O2 SO4 BA . 11.65 21.13 16.57
O3 SO4 BA . 9.90 21.38 18.14
O4 SO4 BA . 11.79 22.84 18.23
S SO4 CA . 21.56 16.24 7.08
O1 SO4 CA . 22.50 15.18 7.45
O2 SO4 CA . 21.18 16.10 5.68
O3 SO4 CA . 20.38 16.09 7.92
O4 SO4 CA . 22.18 17.55 7.29
S SO4 DA . 9.79 18.14 23.31
O1 SO4 DA . 10.59 17.37 24.25
O2 SO4 DA . 10.47 18.18 22.02
O3 SO4 DA . 8.47 17.52 23.17
O4 SO4 DA . 9.62 19.51 23.81
S SO4 EA . 6.01 4.65 6.49
O1 SO4 EA . 6.74 3.74 7.38
O2 SO4 EA . 6.41 4.40 5.11
O3 SO4 EA . 4.57 4.42 6.63
O4 SO4 EA . 6.32 6.02 6.83
S SO4 FA . 9.61 -7.76 22.01
O1 SO4 FA . 10.91 -8.26 22.46
O2 SO4 FA . 9.21 -8.45 20.78
O3 SO4 FA . 8.61 -7.99 23.05
O4 SO4 FA . 9.70 -6.32 21.75
S SO4 GA . 6.09 -7.68 16.46
O1 SO4 GA . 6.77 -8.17 17.65
O2 SO4 GA . 6.49 -8.47 15.30
O3 SO4 GA . 4.64 -7.78 16.65
O4 SO4 GA . 6.46 -6.29 16.24
S SO4 HA . 2.10 -38.32 -50.83
O1 SO4 HA . 2.81 -37.43 -49.92
O2 SO4 HA . 3.08 -39.15 -51.55
O3 SO4 HA . 1.21 -39.18 -50.06
O4 SO4 HA . 1.33 -37.53 -51.79
S SO4 IA . 8.01 -28.92 -13.42
O1 SO4 IA . 8.99 -29.91 -12.96
O2 SO4 IA . 6.78 -29.60 -13.82
O3 SO4 IA . 7.73 -27.99 -12.33
O4 SO4 IA . 8.55 -28.20 -14.56
S SO4 JA . 3.14 -31.71 -16.52
O1 SO4 JA . 2.00 -31.39 -15.65
O2 SO4 JA . 3.63 -33.05 -16.18
O3 SO4 JA . 2.70 -31.70 -17.91
O4 SO4 JA . 4.21 -30.75 -16.33
N NH4 KA . 11.14 -22.75 -28.64
#